data_8S06
#
_entry.id   8S06
#
_cell.length_a   45.504
_cell.length_b   213.257
_cell.length_c   55.487
_cell.angle_alpha   90.00
_cell.angle_beta   95.99
_cell.angle_gamma   90.00
#
_symmetry.space_group_name_H-M   'P 1 21 1'
#
loop_
_entity.id
_entity.type
_entity.pdbx_description
1 polymer 'Tyrosine-protein phosphatase non-receptor type 11'
2 non-polymer 1H-pyrrolo[3,2-b]pyridin-7-amine
3 water water
#
_entity_poly.entity_id   1
_entity_poly.type   'polypeptide(L)'
_entity_poly.pdbx_seq_one_letter_code
;HMTSRRWFHPNITGVEAENLLLTRGVDGSFLARPSKSNPGDFTLSVRRNGAVTHIKIQNTGDYYDLYGGEKFATLAELVQ
YYMEHHGQLKEKNGDVIELKYPLNCADPTSERWFHGHLSGKEAEKLLTEKGKHGSFLVRESQSHPGDFVLSVRTGDDKGE
SNDGKSKVTHVMIRCQELKYDVGGGERFDSLTDLVEHYKKNPMVETLGTVLQLKQPLNTTRINAAEIESRVRELSKLAET
TDKVKQGFWEEFETLQQQECKLLYSRKEGQRQENKNKNRYKNILPFDHTRVVLHDGDPNEPVSDYINANIIMPEFETKCN
NSKPKKSYIATQGCLQNTVNDFWRMVFQENSRVIVMTTKEVERGKSKCVKYWPDEYALKEYGVMRVRNVKESAAHDYTLR
ELKLSKVGQGNTERTVWQYHFRTWPDHGVPSDPGGVLDFLEEVHHKQESIMDAGPVVVHCSAGIGRTGTFIVIDILIDII
REKGVDCDIDVPKTIQMVRSQRSGMVQTEAQYRFIYMAVQHYIETLQRRLEHHHHHH
;
_entity_poly.pdbx_strand_id   A,B
#
# COMPACT_ATOMS: atom_id res chain seq x y z
N SER A 4 4.88 2.58 13.51
CA SER A 4 5.63 1.63 12.60
C SER A 4 7.07 2.15 12.40
N ARG A 5 7.14 3.42 11.99
CA ARG A 5 8.35 4.24 12.12
C ARG A 5 7.92 5.61 12.65
N ARG A 6 6.75 5.67 13.30
CA ARG A 6 6.17 6.92 13.79
C ARG A 6 5.78 6.78 15.26
N TRP A 7 6.31 5.79 15.98
CA TRP A 7 6.02 5.56 17.45
C TRP A 7 6.85 6.50 18.35
N PHE A 8 7.73 7.32 17.78
CA PHE A 8 8.45 8.34 18.50
C PHE A 8 7.75 9.70 18.43
N HIS A 9 7.43 10.28 19.60
CA HIS A 9 6.72 11.53 19.71
C HIS A 9 7.62 12.63 20.29
N PRO A 10 8.18 13.49 19.43
CA PRO A 10 9.21 14.43 19.85
C PRO A 10 8.77 15.52 20.84
N ASN A 11 7.59 16.11 20.64
CA ASN A 11 7.23 17.30 21.42
C ASN A 11 6.01 16.99 22.29
N ILE A 12 6.15 15.94 23.07
CA ILE A 12 5.08 15.45 23.92
C ILE A 12 5.62 15.48 25.36
N THR A 13 4.71 15.65 26.33
CA THR A 13 4.99 15.58 27.77
C THR A 13 4.45 14.27 28.35
N GLY A 14 4.93 13.90 29.53
CA GLY A 14 4.42 12.73 30.21
C GLY A 14 2.90 12.70 30.26
N VAL A 15 2.30 13.80 30.69
CA VAL A 15 0.84 13.96 30.86
C VAL A 15 0.13 13.54 29.55
N GLU A 16 0.57 14.16 28.47
CA GLU A 16 -0.01 13.95 27.17
C GLU A 16 0.14 12.46 26.79
N ALA A 17 1.34 11.92 26.90
CA ALA A 17 1.62 10.54 26.52
C ALA A 17 0.70 9.55 27.26
N GLU A 18 0.35 9.87 28.49
CA GLU A 18 -0.47 9.00 29.30
C GLU A 18 -1.93 9.08 28.83
N ASN A 19 -2.38 10.27 28.51
CA ASN A 19 -3.75 10.45 28.10
C ASN A 19 -3.92 9.76 26.74
N LEU A 20 -3.00 10.04 25.84
CA LEU A 20 -2.91 9.42 24.54
C LEU A 20 -3.04 7.90 24.64
N LEU A 21 -2.29 7.28 25.53
CA LEU A 21 -2.35 5.83 25.60
C LEU A 21 -3.67 5.37 26.25
N LEU A 22 -4.21 6.19 27.14
CA LEU A 22 -5.44 5.84 27.84
C LEU A 22 -6.66 6.05 26.93
N THR A 23 -6.62 7.01 26.01
CA THR A 23 -7.78 7.32 25.16
C THR A 23 -7.65 6.57 23.82
N ARG A 24 -6.45 6.56 23.23
CA ARG A 24 -6.26 6.11 21.85
C ARG A 24 -5.71 4.66 21.78
N GLY A 25 -5.17 4.13 22.89
CA GLY A 25 -4.54 2.82 22.83
C GLY A 25 -5.28 1.78 23.66
N VAL A 26 -4.67 0.62 23.77
CA VAL A 26 -5.17 -0.53 24.51
C VAL A 26 -3.96 -1.17 25.21
N ASP A 27 -4.18 -2.25 25.93
CA ASP A 27 -3.08 -2.91 26.59
C ASP A 27 -2.14 -3.41 25.52
N GLY A 28 -0.86 -3.01 25.63
CA GLY A 28 0.12 -3.36 24.66
C GLY A 28 0.49 -2.17 23.81
N SER A 29 -0.31 -1.10 23.87
CA SER A 29 0.06 0.11 23.15
C SER A 29 1.29 0.73 23.79
N PHE A 30 2.10 1.41 23.00
CA PHE A 30 3.28 2.02 23.51
C PHE A 30 3.76 3.15 22.61
N LEU A 31 4.63 3.97 23.18
CA LEU A 31 5.30 5.04 22.48
C LEU A 31 6.58 5.41 23.24
N ALA A 32 7.49 6.05 22.53
CA ALA A 32 8.67 6.59 23.12
C ALA A 32 8.67 8.11 22.92
N ARG A 33 9.39 8.80 23.79
CA ARG A 33 9.49 10.27 23.82
C ARG A 33 10.82 10.71 24.47
N PRO A 34 11.22 11.93 24.22
CA PRO A 34 12.43 12.43 24.89
C PRO A 34 12.00 12.98 26.25
N SER A 35 12.88 13.00 27.24
CA SER A 35 12.67 13.86 28.41
C SER A 35 12.98 15.31 28.03
N LYS A 36 12.28 16.27 28.66
CA LYS A 36 12.42 17.68 28.30
C LYS A 36 13.83 18.18 28.66
N SER A 37 14.04 18.72 29.86
CA SER A 37 15.33 19.37 30.17
C SER A 37 16.44 18.32 30.39
N ASN A 38 16.10 17.04 30.49
CA ASN A 38 17.09 16.00 30.79
C ASN A 38 17.85 15.64 29.52
N PRO A 39 19.15 15.97 29.47
CA PRO A 39 19.84 15.79 28.20
C PRO A 39 19.98 14.31 27.85
N GLY A 40 19.36 13.89 26.76
CA GLY A 40 19.59 12.53 26.24
C GLY A 40 19.11 11.46 27.21
N ASP A 41 18.01 11.73 27.91
CA ASP A 41 17.19 10.69 28.53
C ASP A 41 15.97 10.52 27.60
N PHE A 42 15.38 9.33 27.66
CA PHE A 42 14.14 9.02 26.92
C PHE A 42 13.22 8.17 27.81
N THR A 43 11.98 8.07 27.38
CA THR A 43 11.02 7.29 28.09
C THR A 43 10.19 6.47 27.09
N LEU A 44 10.13 5.18 27.35
CA LEU A 44 9.25 4.22 26.73
C LEU A 44 7.95 4.14 27.55
N SER A 45 6.84 4.70 27.04
CA SER A 45 5.55 4.62 27.78
C SER A 45 4.70 3.47 27.21
N VAL A 46 4.10 2.68 28.07
CA VAL A 46 3.49 1.41 27.70
C VAL A 46 2.18 1.28 28.44
N ARG A 47 1.11 0.86 27.77
CA ARG A 47 -0.13 0.60 28.48
C ARG A 47 -0.21 -0.90 28.81
N ARG A 48 -0.42 -1.17 30.10
CA ARG A 48 -0.47 -2.51 30.66
C ARG A 48 -1.66 -2.55 31.64
N ASN A 49 -2.54 -3.55 31.49
CA ASN A 49 -3.78 -3.70 32.34
C ASN A 49 -4.41 -2.34 32.71
N GLY A 50 -4.84 -1.55 31.70
CA GLY A 50 -5.62 -0.30 31.92
C GLY A 50 -4.94 0.73 32.80
N ALA A 51 -3.61 0.71 32.80
CA ALA A 51 -2.75 1.69 33.46
C ALA A 51 -1.50 1.84 32.61
N VAL A 52 -0.75 2.92 32.82
CA VAL A 52 0.40 3.24 31.98
C VAL A 52 1.67 3.17 32.81
N THR A 53 2.66 2.52 32.25
CA THR A 53 3.96 2.39 32.84
C THR A 53 4.95 3.20 31.99
N HIS A 54 5.83 3.91 32.67
CA HIS A 54 6.90 4.65 32.02
C HIS A 54 8.24 4.00 32.33
N ILE A 55 9.07 3.85 31.32
CA ILE A 55 10.31 3.19 31.46
C ILE A 55 11.38 4.10 30.89
N LYS A 56 12.40 4.28 31.73
CA LYS A 56 13.51 5.17 31.46
C LYS A 56 14.53 4.47 30.58
N ILE A 57 15.03 5.25 29.64
CA ILE A 57 16.09 4.88 28.77
C ILE A 57 17.15 5.97 28.88
N GLN A 58 18.41 5.61 29.14
CA GLN A 58 19.45 6.61 29.23
C GLN A 58 20.48 6.40 28.13
N ASN A 59 20.96 7.51 27.57
CA ASN A 59 22.10 7.46 26.65
C ASN A 59 23.11 8.53 27.06
N THR A 60 24.26 8.11 27.57
CA THR A 60 25.33 9.09 27.89
C THR A 60 26.39 9.09 26.80
N GLY A 61 26.19 8.26 25.79
CA GLY A 61 27.03 8.39 24.62
C GLY A 61 27.55 7.06 24.11
N ASP A 62 27.38 5.97 24.83
CA ASP A 62 27.80 4.67 24.31
C ASP A 62 26.66 3.78 23.72
N TYR A 63 25.44 3.90 24.24
CA TYR A 63 24.36 3.01 23.90
C TYR A 63 23.12 3.47 24.65
N TYR A 64 21.97 2.96 24.25
CA TYR A 64 20.68 3.19 24.97
C TYR A 64 20.57 2.12 26.04
N ASP A 65 20.48 2.54 27.28
CA ASP A 65 20.27 1.64 28.35
C ASP A 65 18.82 1.70 28.80
N LEU A 66 18.11 0.63 28.56
CA LEU A 66 16.72 0.56 28.96
C LEU A 66 16.70 -0.06 30.35
N TYR A 67 16.08 0.62 31.31
CA TYR A 67 16.01 0.10 32.69
C TYR A 67 15.29 -1.26 32.71
N GLY A 68 15.97 -2.31 33.21
CA GLY A 68 15.37 -3.65 33.37
C GLY A 68 15.14 -4.38 32.05
N GLY A 69 15.70 -3.82 30.96
CA GLY A 69 15.90 -4.52 29.71
C GLY A 69 17.37 -4.49 29.32
N GLU A 70 17.67 -4.43 28.04
CA GLU A 70 19.05 -4.58 27.57
C GLU A 70 19.57 -3.26 27.02
N LYS A 71 20.79 -3.26 26.52
CA LYS A 71 21.35 -2.05 25.92
C LYS A 71 21.22 -2.17 24.40
N PHE A 72 20.96 -1.05 23.69
CA PHE A 72 20.66 -1.05 22.24
C PHE A 72 21.47 0.05 21.54
N ALA A 73 21.73 -0.20 20.27
CA ALA A 73 22.38 0.75 19.38
C ALA A 73 21.41 1.80 18.87
N THR A 74 20.13 1.46 18.68
CA THR A 74 19.16 2.51 18.27
C THR A 74 17.82 2.24 18.95
N LEU A 75 16.97 3.26 19.02
CA LEU A 75 15.64 3.04 19.62
C LEU A 75 14.84 2.09 18.70
N ALA A 76 14.97 2.22 17.38
CA ALA A 76 14.26 1.39 16.45
C ALA A 76 14.71 -0.07 16.63
N GLU A 77 16.00 -0.30 16.90
CA GLU A 77 16.46 -1.66 17.15
C GLU A 77 15.83 -2.18 18.46
N LEU A 78 15.68 -1.29 19.44
CA LEU A 78 15.10 -1.65 20.75
C LEU A 78 13.64 -2.09 20.56
N VAL A 79 12.88 -1.32 19.83
CA VAL A 79 11.46 -1.63 19.55
C VAL A 79 11.32 -2.94 18.75
N GLN A 80 12.12 -3.13 17.71
CA GLN A 80 12.10 -4.38 16.96
C GLN A 80 12.43 -5.59 17.84
N TYR A 81 13.37 -5.44 18.76
CA TYR A 81 13.74 -6.54 19.62
C TYR A 81 12.58 -6.97 20.52
N TYR A 82 11.98 -6.02 21.23
CA TYR A 82 10.93 -6.32 22.18
C TYR A 82 9.61 -6.58 21.41
N MET A 83 9.36 -5.96 20.25
CA MET A 83 8.07 -6.26 19.47
C MET A 83 8.12 -7.68 18.86
N GLU A 84 9.20 -8.46 19.10
CA GLU A 84 9.30 -9.88 18.64
C GLU A 84 9.95 -10.76 19.71
N HIS A 85 9.93 -10.35 20.98
CA HIS A 85 10.46 -11.15 22.11
C HIS A 85 9.53 -10.97 23.31
N HIS A 86 8.38 -11.65 23.21
CA HIS A 86 7.20 -11.43 24.06
C HIS A 86 7.61 -11.00 25.46
N GLY A 87 8.34 -11.87 26.15
CA GLY A 87 8.45 -11.80 27.58
C GLY A 87 9.84 -11.42 28.07
N GLN A 88 10.66 -10.75 27.25
CA GLN A 88 12.00 -10.38 27.71
C GLN A 88 11.95 -9.02 28.42
N LEU A 89 10.90 -8.20 28.26
CA LEU A 89 10.84 -6.92 29.02
C LEU A 89 9.93 -7.09 30.25
N LYS A 90 10.51 -6.80 31.41
CA LYS A 90 9.88 -7.00 32.74
C LYS A 90 10.13 -5.80 33.66
N GLU A 91 9.20 -5.64 34.60
CA GLU A 91 9.26 -4.65 35.67
C GLU A 91 10.16 -5.15 36.81
N LYS A 92 10.43 -4.27 37.78
CA LYS A 92 11.16 -4.62 39.01
C LYS A 92 10.68 -5.98 39.56
N ASN A 93 9.37 -6.15 39.64
CA ASN A 93 8.78 -7.28 40.35
C ASN A 93 8.65 -8.51 39.44
N GLY A 94 8.97 -8.39 38.14
CA GLY A 94 9.04 -9.55 37.23
C GLY A 94 7.72 -9.85 36.54
N ASP A 95 6.85 -8.85 36.44
CA ASP A 95 5.68 -8.92 35.55
C ASP A 95 6.19 -8.54 34.16
N VAL A 96 5.71 -9.21 33.11
CA VAL A 96 6.13 -8.85 31.73
C VAL A 96 5.40 -7.57 31.29
N ILE A 97 6.12 -6.80 30.50
CA ILE A 97 5.61 -5.65 29.79
C ILE A 97 5.70 -6.00 28.29
N GLU A 98 4.55 -6.21 27.67
CA GLU A 98 4.41 -6.56 26.26
C GLU A 98 4.36 -5.29 25.42
N LEU A 99 5.23 -5.13 24.45
CA LEU A 99 5.11 -4.04 23.46
C LEU A 99 4.45 -4.61 22.20
N LYS A 100 3.17 -4.31 22.01
CA LYS A 100 2.37 -4.95 20.96
C LYS A 100 2.03 -3.94 19.84
N TYR A 101 1.52 -2.73 20.14
CA TYR A 101 0.93 -1.84 19.10
C TYR A 101 1.50 -0.41 19.17
N PRO A 102 2.36 -0.02 18.21
CA PRO A 102 2.93 1.32 18.27
C PRO A 102 1.77 2.32 18.26
N LEU A 103 1.85 3.37 19.07
CA LEU A 103 0.94 4.51 19.05
C LEU A 103 1.59 5.61 18.20
N ASN A 104 1.03 5.87 17.01
CA ASN A 104 1.70 6.71 15.99
C ASN A 104 1.51 8.19 16.34
N CYS A 105 2.49 8.97 15.92
CA CYS A 105 2.59 10.43 16.15
C CYS A 105 2.30 11.15 14.82
N ALA A 106 1.62 12.30 14.89
CA ALA A 106 1.19 13.02 13.67
C ALA A 106 2.13 14.20 13.39
N ASP A 107 2.97 14.55 14.36
CA ASP A 107 3.79 15.77 14.28
C ASP A 107 4.74 15.60 13.11
N PRO A 108 4.71 16.49 12.10
CA PRO A 108 5.65 16.35 10.96
C PRO A 108 7.02 17.02 11.09
N THR A 109 7.32 17.63 12.25
CA THR A 109 8.52 18.46 12.45
C THR A 109 9.80 17.63 12.23
N SER A 110 9.76 16.31 12.37
CA SER A 110 10.95 15.44 12.18
C SER A 110 11.11 14.96 10.73
N GLU A 111 10.16 15.26 9.82
CA GLU A 111 10.21 14.70 8.46
C GLU A 111 11.13 15.57 7.60
N ARG A 112 11.95 14.93 6.76
CA ARG A 112 12.93 15.69 5.96
C ARG A 112 12.25 16.68 5.01
N TRP A 113 11.01 16.40 4.56
CA TRP A 113 10.29 17.25 3.57
C TRP A 113 9.56 18.43 4.25
N PHE A 114 9.45 18.44 5.58
CA PHE A 114 8.65 19.48 6.25
C PHE A 114 9.47 20.76 6.51
N HIS A 115 9.10 21.88 5.86
CA HIS A 115 9.78 23.19 6.02
C HIS A 115 8.93 24.20 6.81
N GLY A 116 7.94 23.72 7.55
CA GLY A 116 7.14 24.60 8.42
C GLY A 116 6.86 25.96 7.81
N HIS A 117 7.43 26.99 8.43
CA HIS A 117 6.89 28.37 8.38
C HIS A 117 7.55 29.15 7.24
N LEU A 118 7.44 28.61 6.04
CA LEU A 118 8.12 29.09 4.86
C LEU A 118 7.09 29.64 3.87
N SER A 119 7.52 30.64 3.10
CA SER A 119 6.67 31.36 2.15
C SER A 119 6.51 30.58 0.84
N GLY A 120 5.67 31.09 -0.06
CA GLY A 120 5.51 30.45 -1.36
C GLY A 120 6.70 30.74 -2.25
N LYS A 121 7.10 32.01 -2.28
CA LYS A 121 8.18 32.50 -3.17
C LYS A 121 9.52 31.89 -2.74
N GLU A 122 9.81 31.84 -1.45
CA GLU A 122 11.06 31.27 -1.03
C GLU A 122 11.12 29.77 -1.39
N ALA A 123 9.98 29.06 -1.36
CA ALA A 123 9.96 27.62 -1.71
C ALA A 123 10.24 27.40 -3.21
N GLU A 124 9.71 28.28 -4.05
CA GLU A 124 9.97 28.23 -5.51
C GLU A 124 11.47 28.38 -5.78
N LYS A 125 12.13 29.27 -5.05
CA LYS A 125 13.56 29.54 -5.23
C LYS A 125 14.38 28.32 -4.84
N LEU A 126 14.15 27.74 -3.66
CA LEU A 126 14.91 26.58 -3.18
C LEU A 126 14.79 25.41 -4.16
N LEU A 127 13.58 25.15 -4.67
CA LEU A 127 13.38 24.10 -5.69
C LEU A 127 14.13 24.46 -6.97
N THR A 128 14.33 25.75 -7.23
CA THR A 128 14.97 26.16 -8.47
C THR A 128 16.49 25.96 -8.33
N GLU A 129 17.05 26.31 -7.17
CA GLU A 129 18.51 26.30 -6.99
C GLU A 129 18.98 24.92 -6.48
N LYS A 130 18.24 24.31 -5.57
CA LYS A 130 18.70 23.08 -4.91
C LYS A 130 17.98 21.85 -5.49
N GLY A 131 16.83 22.05 -6.13
CA GLY A 131 15.92 20.93 -6.40
C GLY A 131 16.22 20.24 -7.72
N LYS A 132 15.90 18.96 -7.78
CA LYS A 132 15.98 18.15 -9.01
C LYS A 132 14.56 17.77 -9.48
N HIS A 133 14.39 17.05 -10.58
CA HIS A 133 13.09 16.43 -10.92
C HIS A 133 12.56 15.61 -9.74
N GLY A 134 11.29 15.79 -9.37
CA GLY A 134 10.63 15.00 -8.31
C GLY A 134 10.92 15.50 -6.90
N SER A 135 11.60 16.64 -6.78
CA SER A 135 11.97 17.22 -5.44
C SER A 135 10.75 17.93 -4.86
N PHE A 136 10.50 17.78 -3.56
CA PHE A 136 9.28 18.35 -2.95
C PHE A 136 9.54 18.80 -1.50
N LEU A 137 8.63 19.60 -0.98
CA LEU A 137 8.53 20.00 0.41
C LEU A 137 7.07 20.26 0.76
N VAL A 138 6.75 20.15 2.04
CA VAL A 138 5.47 20.56 2.57
C VAL A 138 5.70 21.75 3.52
N ARG A 139 4.96 22.84 3.35
CA ARG A 139 5.08 24.08 4.18
C ARG A 139 3.69 24.56 4.60
N GLU A 140 3.66 25.43 5.62
CA GLU A 140 2.41 26.06 6.06
C GLU A 140 1.96 27.11 5.04
N SER A 141 0.65 27.11 4.81
CA SER A 141 -0.01 28.00 3.89
C SER A 141 -0.02 29.39 4.53
N GLN A 142 -0.01 30.41 3.69
CA GLN A 142 -0.12 31.78 4.16
C GLN A 142 -1.48 32.35 3.76
N SER A 143 -1.97 32.01 2.57
CA SER A 143 -3.32 32.42 2.17
C SER A 143 -4.35 31.86 3.18
N HIS A 144 -4.44 30.53 3.28
CA HIS A 144 -5.35 29.85 4.20
C HIS A 144 -4.59 29.39 5.46
N PRO A 145 -4.71 30.09 6.59
CA PRO A 145 -4.09 29.56 7.82
C PRO A 145 -4.69 28.21 8.27
N GLY A 146 -3.93 27.45 9.04
CA GLY A 146 -4.31 26.07 9.43
C GLY A 146 -3.84 25.02 8.44
N ASP A 147 -3.81 25.40 7.17
CA ASP A 147 -3.54 24.51 6.07
C ASP A 147 -2.05 24.44 5.78
N PHE A 148 -1.74 23.69 4.73
CA PHE A 148 -0.40 23.37 4.31
C PHE A 148 -0.36 23.34 2.78
N VAL A 149 0.84 23.34 2.23
CA VAL A 149 1.04 23.36 0.79
C VAL A 149 2.15 22.37 0.45
N LEU A 150 1.89 21.46 -0.50
CA LEU A 150 2.91 20.56 -1.03
C LEU A 150 3.46 21.19 -2.30
N SER A 151 4.77 21.41 -2.35
CA SER A 151 5.39 22.08 -3.48
C SER A 151 6.41 21.15 -4.15
N VAL A 152 6.29 20.96 -5.46
CA VAL A 152 6.96 19.83 -6.16
C VAL A 152 7.59 20.33 -7.45
N ARG A 153 8.85 20.01 -7.66
CA ARG A 153 9.50 20.29 -8.92
C ARG A 153 9.36 19.06 -9.83
N THR A 154 9.05 19.33 -11.08
CA THR A 154 8.84 18.31 -12.06
C THR A 154 9.55 18.78 -13.35
N GLY A 155 10.19 17.85 -14.07
CA GLY A 155 10.72 18.13 -15.42
C GLY A 155 12.23 17.94 -15.52
N ASP A 156 12.68 17.88 -16.78
CA ASP A 156 14.11 17.79 -17.15
C ASP A 156 15.10 18.09 -16.02
N ASN A 162 17.77 26.38 -16.92
CA ASN A 162 16.56 26.91 -16.29
C ASN A 162 15.76 27.68 -17.34
N ASP A 163 14.91 26.95 -18.08
CA ASP A 163 14.45 27.36 -19.42
C ASP A 163 13.02 26.95 -19.85
N GLY A 164 12.19 26.45 -18.94
CA GLY A 164 10.81 26.06 -19.25
C GLY A 164 10.55 24.58 -19.06
N LYS A 165 11.59 23.75 -19.17
CA LYS A 165 11.40 22.29 -19.29
C LYS A 165 11.05 21.70 -17.92
N SER A 166 11.21 22.50 -16.88
CA SER A 166 10.78 22.15 -15.53
C SER A 166 9.75 23.17 -15.04
N LYS A 167 9.18 22.91 -13.88
CA LYS A 167 8.21 23.79 -13.30
C LYS A 167 8.03 23.41 -11.84
N VAL A 168 7.40 24.31 -11.08
CA VAL A 168 7.02 23.99 -9.72
C VAL A 168 5.49 24.01 -9.67
N THR A 169 4.88 22.93 -9.17
CA THR A 169 3.44 22.88 -8.89
C THR A 169 3.25 23.00 -7.38
N HIS A 170 2.21 23.75 -6.96
CA HIS A 170 1.82 23.90 -5.54
C HIS A 170 0.46 23.22 -5.30
N VAL A 171 0.36 22.29 -4.36
CA VAL A 171 -0.91 21.63 -4.07
C VAL A 171 -1.35 22.04 -2.67
N MET A 172 -2.56 22.52 -2.52
CA MET A 172 -3.08 22.85 -1.21
C MET A 172 -3.49 21.55 -0.54
N ILE A 173 -3.18 21.49 0.74
CA ILE A 173 -3.54 20.43 1.68
C ILE A 173 -4.43 21.11 2.72
N ARG A 174 -5.69 20.71 2.79
CA ARG A 174 -6.58 21.26 3.78
C ARG A 174 -6.49 20.41 5.05
N CYS A 175 -6.51 21.11 6.19
CA CYS A 175 -6.71 20.52 7.50
C CYS A 175 -8.16 20.73 7.92
N GLN A 176 -8.85 19.64 8.26
CA GLN A 176 -10.27 19.72 8.58
C GLN A 176 -10.56 18.71 9.68
N GLU A 177 -11.05 19.21 10.83
CA GLU A 177 -11.26 18.39 12.01
C GLU A 177 -10.22 17.26 12.05
N LEU A 178 -8.97 17.67 12.16
CA LEU A 178 -7.89 16.78 12.60
C LEU A 178 -7.32 15.98 11.42
N LYS A 179 -7.92 16.01 10.22
CA LYS A 179 -7.44 15.17 9.11
C LYS A 179 -6.97 16.04 7.93
N TYR A 180 -6.12 15.43 7.09
CA TYR A 180 -5.49 16.12 5.96
C TYR A 180 -5.91 15.50 4.62
N ASP A 181 -6.23 16.36 3.64
CA ASP A 181 -6.61 15.88 2.29
C ASP A 181 -6.25 16.90 1.20
N VAL A 182 -6.11 16.44 -0.05
CA VAL A 182 -5.69 17.33 -1.16
C VAL A 182 -6.91 17.90 -1.92
N GLY A 183 -8.10 17.88 -1.33
CA GLY A 183 -9.27 18.48 -1.96
C GLY A 183 -10.32 17.44 -2.36
N GLY A 184 -9.96 16.15 -2.34
CA GLY A 184 -10.95 15.08 -2.60
C GLY A 184 -10.39 13.71 -2.25
N GLY A 185 -11.23 12.67 -2.29
CA GLY A 185 -10.77 11.31 -1.99
C GLY A 185 -10.45 11.11 -0.52
N GLU A 186 -9.24 10.67 -0.27
CA GLU A 186 -8.91 10.11 1.03
C GLU A 186 -8.51 11.25 1.97
N ARG A 187 -9.00 11.18 3.22
CA ARG A 187 -8.61 12.10 4.32
C ARG A 187 -7.64 11.37 5.25
N PHE A 188 -6.44 11.94 5.46
CA PHE A 188 -5.32 11.28 6.19
C PHE A 188 -5.17 11.80 7.62
N ASP A 189 -4.71 10.90 8.50
CA ASP A 189 -4.57 11.16 9.94
C ASP A 189 -3.34 12.00 10.25
N SER A 190 -2.36 12.01 9.34
CA SER A 190 -1.11 12.77 9.45
C SER A 190 -0.64 13.27 8.07
N LEU A 191 0.18 14.32 8.05
CA LEU A 191 0.82 14.72 6.78
C LEU A 191 1.74 13.62 6.25
N THR A 192 2.38 12.88 7.16
CA THR A 192 3.19 11.74 6.77
C THR A 192 2.35 10.69 6.04
N ASP A 193 1.12 10.43 6.50
CA ASP A 193 0.27 9.42 5.87
C ASP A 193 -0.09 9.89 4.47
N LEU A 194 -0.47 11.16 4.38
CA LEU A 194 -0.77 11.80 3.15
C LEU A 194 0.42 11.68 2.18
N VAL A 195 1.60 12.22 2.56
CA VAL A 195 2.76 12.23 1.67
C VAL A 195 3.04 10.79 1.24
N GLU A 196 3.07 9.85 2.20
CA GLU A 196 3.39 8.46 1.86
C GLU A 196 2.33 7.91 0.91
N HIS A 197 1.06 8.32 1.03
CA HIS A 197 0.08 7.89 0.03
C HIS A 197 0.42 8.44 -1.35
N TYR A 198 0.69 9.74 -1.48
CA TYR A 198 0.74 10.33 -2.81
C TYR A 198 2.10 10.07 -3.46
N LYS A 199 3.05 9.57 -2.67
CA LYS A 199 4.36 9.13 -3.17
C LYS A 199 4.27 7.72 -3.75
N LYS A 200 3.40 6.88 -3.17
CA LYS A 200 3.08 5.59 -3.75
C LYS A 200 2.21 5.79 -4.99
N ASN A 201 1.23 6.71 -4.88
CA ASN A 201 0.13 6.82 -5.86
C ASN A 201 0.02 8.27 -6.34
N PRO A 202 0.96 8.70 -7.20
CA PRO A 202 1.16 10.13 -7.49
C PRO A 202 -0.06 10.78 -8.15
N MET A 203 -0.30 12.05 -7.79
CA MET A 203 -1.31 12.88 -8.46
C MET A 203 -0.90 13.05 -9.92
N VAL A 204 -1.89 13.11 -10.80
CA VAL A 204 -1.65 13.34 -12.22
C VAL A 204 -2.35 14.66 -12.59
N GLU A 205 -1.59 15.63 -13.09
CA GLU A 205 -2.18 16.90 -13.48
C GLU A 205 -3.18 16.67 -14.62
N THR A 206 -4.19 17.52 -14.62
CA THR A 206 -5.25 17.52 -15.61
C THR A 206 -4.74 17.13 -17.00
N LEU A 207 -3.60 17.69 -17.41
CA LEU A 207 -3.10 17.52 -18.78
C LEU A 207 -2.04 16.42 -18.84
N GLY A 208 -1.68 15.81 -17.70
CA GLY A 208 -0.93 14.55 -17.73
C GLY A 208 0.40 14.58 -16.99
N THR A 209 0.94 15.72 -16.58
CA THR A 209 2.18 15.68 -15.77
C THR A 209 1.90 14.90 -14.48
N VAL A 210 2.84 14.02 -14.14
CA VAL A 210 2.79 13.24 -12.91
C VAL A 210 3.58 13.99 -11.84
N LEU A 211 2.97 14.25 -10.69
CA LEU A 211 3.64 14.92 -9.59
C LEU A 211 4.36 13.88 -8.73
N GLN A 212 5.46 13.39 -9.30
CA GLN A 212 6.32 12.41 -8.68
C GLN A 212 6.95 13.05 -7.43
N LEU A 213 6.79 12.41 -6.28
CA LEU A 213 7.49 12.83 -5.06
C LEU A 213 8.67 11.87 -4.86
N LYS A 214 9.86 12.29 -5.33
CA LYS A 214 10.99 11.35 -5.45
C LYS A 214 11.95 11.50 -4.25
N GLN A 215 12.29 12.73 -3.89
CA GLN A 215 13.17 13.01 -2.76
C GLN A 215 12.84 14.38 -2.17
N PRO A 216 12.96 14.54 -0.85
CA PRO A 216 12.86 15.89 -0.24
C PRO A 216 13.98 16.87 -0.64
N LEU A 217 13.76 18.14 -0.38
CA LEU A 217 14.77 19.14 -0.66
C LEU A 217 15.88 19.03 0.40
N ASN A 218 17.13 19.11 -0.01
CA ASN A 218 18.26 19.04 0.94
C ASN A 218 18.52 20.43 1.49
N THR A 219 18.50 20.56 2.82
CA THR A 219 18.75 21.84 3.51
C THR A 219 19.84 21.67 4.58
N THR A 220 20.59 20.58 4.51
CA THR A 220 21.59 20.28 5.51
C THR A 220 22.98 20.61 4.93
N ARG A 221 23.16 20.46 3.61
CA ARG A 221 24.44 20.71 2.95
C ARG A 221 24.84 22.18 3.09
N ILE A 222 26.13 22.43 3.30
CA ILE A 222 26.66 23.79 3.41
C ILE A 222 28.03 23.86 2.74
N ASN A 223 28.39 25.05 2.31
CA ASN A 223 29.77 25.30 1.96
C ASN A 223 30.57 25.27 3.26
N ALA A 224 31.66 24.49 3.28
CA ALA A 224 32.48 24.34 4.49
C ALA A 224 32.83 25.72 5.04
N ALA A 225 33.16 26.68 4.18
CA ALA A 225 33.57 28.00 4.66
C ALA A 225 32.38 28.78 5.25
N GLU A 226 31.16 28.27 5.13
CA GLU A 226 29.98 28.91 5.76
C GLU A 226 29.64 28.26 7.12
N ILE A 227 30.58 27.50 7.69
CA ILE A 227 30.35 26.70 8.91
C ILE A 227 30.02 27.64 10.09
N GLU A 228 30.82 28.70 10.29
CA GLU A 228 30.66 29.55 11.46
C GLU A 228 29.21 30.05 11.56
N SER A 229 28.63 30.42 10.41
CA SER A 229 27.29 31.03 10.34
C SER A 229 26.19 30.00 10.61
N ARG A 230 26.40 28.77 10.14
CA ARG A 230 25.41 27.70 10.30
C ARG A 230 25.37 27.23 11.76
N VAL A 231 26.55 26.98 12.36
CA VAL A 231 26.66 26.63 13.79
C VAL A 231 25.99 27.72 14.63
N ARG A 232 26.18 28.99 14.26
CA ARG A 232 25.53 30.11 14.97
C ARG A 232 24.01 30.06 14.77
N GLU A 233 23.51 29.64 13.62
CA GLU A 233 22.05 29.63 13.39
C GLU A 233 21.43 28.38 14.05
N LEU A 234 22.19 27.30 14.14
CA LEU A 234 21.77 26.08 14.85
C LEU A 234 21.85 26.28 16.38
N SER A 235 22.45 27.35 16.88
CA SER A 235 22.62 27.51 18.33
C SER A 235 21.51 28.40 18.91
N LYS A 236 20.83 29.21 18.09
CA LYS A 236 19.63 29.94 18.53
C LYS A 236 19.94 30.76 19.78
N GLY A 247 17.20 24.59 15.22
CA GLY A 247 18.40 24.38 16.03
C GLY A 247 19.01 23.00 15.81
N PHE A 248 20.08 22.72 16.56
CA PHE A 248 20.72 21.41 16.57
C PHE A 248 19.71 20.29 16.93
N TRP A 249 18.89 20.52 17.94
CA TRP A 249 17.98 19.49 18.41
C TRP A 249 17.08 19.00 17.25
N GLU A 250 16.59 19.92 16.44
CA GLU A 250 15.60 19.59 15.40
C GLU A 250 16.30 18.85 14.27
N GLU A 251 17.53 19.28 13.97
CA GLU A 251 18.29 18.71 12.87
C GLU A 251 18.70 17.30 13.29
N PHE A 252 19.04 17.14 14.57
CA PHE A 252 19.39 15.80 15.02
C PHE A 252 18.18 14.87 15.03
N GLU A 253 17.06 15.41 15.48
CA GLU A 253 15.82 14.65 15.57
C GLU A 253 15.43 14.18 14.17
N THR A 254 15.53 15.06 13.19
CA THR A 254 15.21 14.64 11.79
C THR A 254 16.11 13.50 11.32
N LEU A 255 17.39 13.57 11.65
CA LEU A 255 18.35 12.50 11.31
C LEU A 255 17.96 11.21 12.04
N GLN A 256 17.63 11.35 13.32
CA GLN A 256 17.29 10.19 14.14
C GLN A 256 16.08 9.46 13.54
N GLN A 257 15.16 10.26 13.04
CA GLN A 257 13.90 9.69 12.48
C GLN A 257 14.22 8.71 11.35
N GLN A 258 15.32 8.98 10.63
CA GLN A 258 15.66 8.17 9.44
CA GLN A 258 15.70 8.19 9.44
C GLN A 258 16.33 6.85 9.84
N GLU A 259 16.51 6.57 11.14
CA GLU A 259 17.14 5.30 11.55
C GLU A 259 16.20 4.11 11.33
N CYS A 260 14.89 4.38 11.23
N CYS A 260 14.90 4.34 11.24
CA CYS A 260 13.85 3.40 10.85
CA CYS A 260 13.94 3.29 10.97
C CYS A 260 14.20 2.69 9.55
C CYS A 260 14.19 2.70 9.56
N LYS A 261 15.00 3.35 8.72
CA LYS A 261 15.34 2.81 7.39
C LYS A 261 16.49 1.82 7.47
N LEU A 262 17.14 1.63 8.63
CA LEU A 262 18.46 0.93 8.70
C LEU A 262 18.38 -0.35 9.53
N LEU A 263 17.25 -1.01 9.60
CA LEU A 263 17.20 -2.25 10.35
C LEU A 263 17.68 -3.44 9.50
N TYR A 264 18.90 -3.40 8.98
CA TYR A 264 19.47 -4.51 8.23
C TYR A 264 19.78 -5.68 9.16
N SER A 265 19.85 -6.86 8.56
CA SER A 265 19.98 -8.06 9.32
C SER A 265 21.34 -8.13 10.01
N ARG A 266 21.35 -8.84 11.14
CA ARG A 266 22.53 -9.01 11.96
C ARG A 266 22.54 -10.47 12.43
N LYS A 267 22.29 -11.37 11.48
CA LYS A 267 22.00 -12.76 11.83
C LYS A 267 23.25 -13.50 12.33
N GLU A 268 24.42 -13.27 11.73
CA GLU A 268 25.63 -13.95 12.16
C GLU A 268 25.91 -13.61 13.64
N GLY A 269 25.73 -12.36 14.03
CA GLY A 269 25.93 -11.92 15.41
C GLY A 269 24.96 -12.57 16.38
N GLN A 270 23.79 -12.99 15.88
CA GLN A 270 22.69 -13.57 16.69
C GLN A 270 22.81 -15.10 16.80
N ARG A 271 23.80 -15.71 16.14
CA ARG A 271 23.94 -17.16 16.14
C ARG A 271 24.50 -17.60 17.50
N GLN A 272 24.02 -18.76 17.95
CA GLN A 272 24.36 -19.36 19.25
C GLN A 272 25.88 -19.37 19.45
N GLU A 273 26.59 -19.81 18.43
CA GLU A 273 28.02 -20.01 18.44
C GLU A 273 28.76 -18.69 18.71
N ASN A 274 28.09 -17.55 18.50
CA ASN A 274 28.76 -16.25 18.47
C ASN A 274 28.36 -15.37 19.67
N LYS A 275 27.38 -15.75 20.49
CA LYS A 275 26.82 -14.88 21.56
C LYS A 275 27.91 -14.33 22.49
N ASN A 276 28.83 -15.15 22.97
CA ASN A 276 29.80 -14.69 23.99
C ASN A 276 30.96 -13.93 23.32
N LYS A 277 30.82 -13.56 22.03
CA LYS A 277 31.77 -12.70 21.32
C LYS A 277 31.25 -11.27 21.18
N ASN A 278 30.10 -11.00 21.71
CA ASN A 278 29.52 -9.69 21.70
C ASN A 278 29.65 -9.09 23.10
N ARG A 279 30.10 -7.86 23.26
CA ARG A 279 30.17 -7.28 24.59
C ARG A 279 28.75 -7.06 25.14
N TYR A 280 27.81 -6.72 24.26
CA TYR A 280 26.39 -6.48 24.59
C TYR A 280 25.52 -7.24 23.58
N LYS A 281 24.68 -8.14 24.06
CA LYS A 281 24.16 -9.24 23.23
C LYS A 281 23.25 -8.75 22.08
N ASN A 282 22.81 -7.49 22.08
CA ASN A 282 21.94 -6.92 21.07
C ASN A 282 22.64 -5.83 20.26
N ILE A 283 23.92 -5.56 20.50
CA ILE A 283 24.59 -4.60 19.67
C ILE A 283 25.56 -5.36 18.77
N LEU A 284 25.11 -5.54 17.53
CA LEU A 284 25.70 -6.51 16.64
C LEU A 284 26.06 -5.84 15.33
N PRO A 285 27.00 -6.46 14.62
CA PRO A 285 27.38 -5.92 13.35
C PRO A 285 26.40 -6.37 12.26
N PHE A 286 26.11 -5.49 11.33
CA PHE A 286 25.31 -5.91 10.16
C PHE A 286 26.05 -6.98 9.36
N ASP A 287 25.28 -7.95 8.89
CA ASP A 287 25.79 -9.00 8.00
C ASP A 287 26.49 -8.42 6.79
N HIS A 288 25.89 -7.38 6.20
CA HIS A 288 26.32 -6.94 4.86
C HIS A 288 27.71 -6.28 4.93
N THR A 289 28.07 -5.70 6.08
CA THR A 289 29.40 -5.07 6.25
C THR A 289 30.30 -5.71 7.34
N ARG A 290 29.94 -6.85 7.90
CA ARG A 290 30.73 -7.40 9.00
C ARG A 290 32.14 -7.79 8.50
N VAL A 291 33.15 -7.66 9.36
CA VAL A 291 34.46 -8.21 9.01
C VAL A 291 34.34 -9.73 9.14
N VAL A 292 34.77 -10.46 8.13
CA VAL A 292 34.78 -11.92 8.11
C VAL A 292 36.23 -12.40 8.28
N LEU A 293 36.42 -13.26 9.30
CA LEU A 293 37.70 -13.77 9.61
C LEU A 293 37.87 -15.10 8.88
N HIS A 294 38.90 -15.21 8.04
CA HIS A 294 39.26 -16.47 7.38
C HIS A 294 40.50 -17.10 8.03
N ASP A 295 40.79 -18.31 7.59
CA ASP A 295 41.98 -19.02 8.03
C ASP A 295 42.01 -18.99 9.54
N GLY A 296 41.10 -19.76 10.12
CA GLY A 296 41.02 -19.97 11.57
C GLY A 296 41.22 -21.43 11.91
N ASP A 297 40.98 -21.75 13.17
CA ASP A 297 41.08 -23.12 13.67
C ASP A 297 39.96 -23.93 12.96
N PRO A 298 40.33 -25.09 12.36
CA PRO A 298 39.33 -26.12 11.98
C PRO A 298 38.54 -26.67 13.18
N ASN A 299 39.14 -26.68 14.37
CA ASN A 299 38.50 -27.19 15.61
C ASN A 299 37.26 -26.35 15.95
N GLU A 300 37.43 -25.03 16.05
CA GLU A 300 36.40 -24.07 16.54
C GLU A 300 35.07 -24.29 15.78
N PRO A 301 33.92 -24.15 16.49
CA PRO A 301 32.61 -24.32 15.81
C PRO A 301 32.37 -23.23 14.75
N VAL A 302 32.60 -21.96 15.11
CA VAL A 302 32.53 -20.82 14.19
C VAL A 302 33.71 -19.88 14.50
N SER A 303 34.70 -19.81 13.60
CA SER A 303 35.87 -18.96 13.80
C SER A 303 35.86 -17.75 12.87
N ASP A 304 34.77 -17.47 12.16
CA ASP A 304 34.80 -16.39 11.18
C ASP A 304 34.27 -15.07 11.69
N TYR A 305 33.87 -15.03 12.97
CA TYR A 305 33.08 -13.96 13.50
C TYR A 305 33.86 -13.04 14.45
N ILE A 306 33.67 -11.74 14.23
CA ILE A 306 34.04 -10.70 15.20
C ILE A 306 33.04 -9.54 15.09
N ASN A 307 32.81 -8.87 16.21
CA ASN A 307 31.89 -7.73 16.29
C ASN A 307 32.64 -6.53 15.75
N ALA A 308 32.66 -6.46 14.41
CA ALA A 308 33.26 -5.37 13.75
C ALA A 308 32.67 -5.19 12.34
N ASN A 309 32.57 -3.94 11.89
CA ASN A 309 32.16 -3.63 10.51
C ASN A 309 33.15 -2.72 9.76
N ILE A 310 33.27 -2.99 8.46
CA ILE A 310 33.96 -2.11 7.56
C ILE A 310 33.09 -0.90 7.30
N ILE A 311 33.69 0.29 7.41
CA ILE A 311 33.05 1.58 7.13
C ILE A 311 33.80 2.22 5.96
N MET A 312 33.15 2.27 4.82
CA MET A 312 33.69 2.92 3.64
C MET A 312 32.94 4.24 3.43
N PRO A 313 33.66 5.36 3.38
CA PRO A 313 33.01 6.65 3.15
C PRO A 313 32.47 6.74 1.71
N GLU A 314 31.50 7.62 1.45
CA GLU A 314 30.88 7.76 0.12
C GLU A 314 30.49 9.22 -0.11
N LYS A 325 39.97 7.39 -0.22
CA LYS A 325 40.93 6.31 -0.01
C LYS A 325 40.60 5.57 1.29
N LYS A 326 40.74 6.31 2.40
CA LYS A 326 40.84 5.71 3.71
C LYS A 326 39.51 5.05 4.08
N SER A 327 39.59 3.80 4.49
CA SER A 327 38.43 3.17 5.11
C SER A 327 38.74 2.84 6.58
N TYR A 328 37.71 2.47 7.33
CA TYR A 328 37.83 2.24 8.74
C TYR A 328 37.21 0.90 9.10
N ILE A 329 37.63 0.34 10.21
CA ILE A 329 36.93 -0.77 10.82
C ILE A 329 36.46 -0.27 12.18
N ALA A 330 35.16 -0.27 12.39
CA ALA A 330 34.53 0.06 13.65
C ALA A 330 34.31 -1.23 14.43
N THR A 331 34.74 -1.30 15.68
CA THR A 331 34.66 -2.51 16.44
C THR A 331 34.49 -2.17 17.94
N GLN A 332 34.15 -3.20 18.69
CA GLN A 332 33.90 -3.05 20.13
C GLN A 332 35.24 -3.24 20.85
N GLY A 333 35.34 -2.78 22.09
CA GLY A 333 36.42 -3.19 22.98
C GLY A 333 36.47 -4.71 23.13
N CYS A 334 37.65 -5.25 22.94
CA CYS A 334 37.96 -6.64 23.19
C CYS A 334 37.33 -7.17 24.47
N LEU A 335 36.90 -8.43 24.39
CA LEU A 335 36.64 -9.30 25.52
C LEU A 335 37.83 -10.26 25.68
N GLN A 336 37.93 -10.84 26.86
CA GLN A 336 38.92 -11.84 27.17
C GLN A 336 39.02 -12.87 26.03
N ASN A 337 37.86 -13.36 25.60
CA ASN A 337 37.79 -14.48 24.65
C ASN A 337 37.74 -13.98 23.22
N THR A 338 37.95 -12.69 22.95
CA THR A 338 38.06 -12.18 21.56
C THR A 338 39.40 -11.48 21.26
N VAL A 339 40.34 -11.40 22.20
CA VAL A 339 41.63 -10.71 21.95
C VAL A 339 42.38 -11.36 20.76
N ASN A 340 42.42 -12.69 20.72
CA ASN A 340 43.05 -13.41 19.62
C ASN A 340 42.37 -13.06 18.29
N ASP A 341 41.05 -13.04 18.26
CA ASP A 341 40.30 -12.69 17.03
C ASP A 341 40.58 -11.26 16.63
N PHE A 342 40.75 -10.36 17.60
CA PHE A 342 41.00 -9.00 17.27
C PHE A 342 42.30 -8.92 16.47
N TRP A 343 43.35 -9.60 16.92
CA TRP A 343 44.64 -9.55 16.22
C TRP A 343 44.61 -10.35 14.91
N ARG A 344 43.84 -11.43 14.85
CA ARG A 344 43.62 -12.12 13.55
C ARG A 344 43.08 -11.10 12.53
N MET A 345 42.22 -10.21 13.01
CA MET A 345 41.53 -9.22 12.17
C MET A 345 42.50 -8.16 11.66
N VAL A 346 43.35 -7.69 12.56
CA VAL A 346 44.28 -6.64 12.23
C VAL A 346 45.28 -7.16 11.20
N PHE A 347 45.66 -8.42 11.35
CA PHE A 347 46.63 -9.03 10.46
C PHE A 347 46.00 -9.25 9.06
N GLN A 348 44.78 -9.76 9.05
CA GLN A 348 44.07 -10.10 7.84
C GLN A 348 43.83 -8.82 7.02
N GLU A 349 43.38 -7.77 7.66
CA GLU A 349 42.97 -6.61 6.96
C GLU A 349 44.16 -5.69 6.70
N ASN A 350 45.36 -6.12 7.10
CA ASN A 350 46.60 -5.32 6.91
C ASN A 350 46.54 -3.93 7.53
N SER A 351 45.77 -3.75 8.59
CA SER A 351 45.69 -2.51 9.36
C SER A 351 47.04 -2.23 10.04
N ARG A 352 47.40 -0.96 9.98
CA ARG A 352 48.63 -0.46 10.52
C ARG A 352 48.34 0.58 11.60
N VAL A 353 47.08 0.94 11.82
CA VAL A 353 46.72 1.97 12.77
C VAL A 353 45.49 1.53 13.55
N ILE A 354 45.57 1.61 14.86
CA ILE A 354 44.47 1.37 15.79
C ILE A 354 44.27 2.64 16.61
N VAL A 355 43.02 3.02 16.69
CA VAL A 355 42.55 4.17 17.45
C VAL A 355 41.65 3.64 18.56
N MET A 356 42.07 3.85 19.77
CA MET A 356 41.29 3.43 20.95
C MET A 356 40.78 4.70 21.61
N THR A 357 39.51 4.79 21.94
CA THR A 357 38.92 6.06 22.43
C THR A 357 38.31 5.91 23.83
N THR A 358 38.57 4.79 24.50
CA THR A 358 38.22 4.63 25.91
C THR A 358 39.48 4.33 26.74
N LYS A 359 39.45 4.68 28.01
CA LYS A 359 40.31 4.01 28.98
C LYS A 359 39.86 2.55 29.10
N GLU A 360 40.70 1.69 29.63
CA GLU A 360 40.33 0.29 29.84
C GLU A 360 39.21 0.19 30.88
N VAL A 361 39.23 1.10 31.85
CA VAL A 361 38.34 1.17 32.99
C VAL A 361 37.78 2.59 33.07
N GLU A 362 36.45 2.74 33.13
CA GLU A 362 35.81 4.05 33.40
C GLU A 362 34.64 3.80 34.36
N ARG A 363 34.37 4.76 35.23
CA ARG A 363 33.40 4.59 36.32
C ARG A 363 33.56 3.20 36.97
N GLY A 364 34.79 2.78 37.21
CA GLY A 364 35.02 1.45 37.83
C GLY A 364 34.54 0.25 37.00
N LYS A 365 34.34 0.34 35.69
CA LYS A 365 33.88 -0.87 34.92
C LYS A 365 34.74 -1.10 33.67
N SER A 366 35.08 -2.35 33.40
CA SER A 366 35.89 -2.65 32.23
C SER A 366 35.15 -2.23 30.95
N LYS A 367 35.85 -1.43 30.14
CA LYS A 367 35.44 -1.00 28.81
C LYS A 367 36.22 -1.73 27.72
N CYS A 368 37.42 -2.23 28.01
CA CYS A 368 38.23 -2.86 26.95
C CYS A 368 39.41 -3.59 27.58
N VAL A 369 39.51 -4.90 27.41
CA VAL A 369 40.64 -5.58 28.06
C VAL A 369 41.93 -5.17 27.34
N LYS A 370 42.99 -5.18 28.11
CA LYS A 370 44.28 -4.92 27.60
C LYS A 370 44.64 -6.03 26.62
N TYR A 371 44.67 -5.69 25.32
CA TYR A 371 45.00 -6.65 24.27
C TYR A 371 46.41 -6.39 23.70
N TRP A 372 47.20 -5.50 24.33
CA TRP A 372 48.57 -5.16 23.89
C TRP A 372 49.51 -5.52 25.04
N PRO A 373 50.78 -5.85 24.74
CA PRO A 373 51.76 -6.15 25.78
C PRO A 373 52.27 -4.88 26.47
N ASP A 374 52.78 -4.98 27.71
CA ASP A 374 53.56 -3.88 28.34
C ASP A 374 54.76 -3.43 27.52
N GLU A 375 55.19 -2.20 27.77
CA GLU A 375 56.33 -1.63 27.05
C GLU A 375 57.52 -2.60 27.16
N TYR A 376 58.15 -2.89 26.02
CA TYR A 376 59.35 -3.76 25.86
C TYR A 376 59.01 -5.26 26.01
N ALA A 377 57.79 -5.57 26.40
CA ALA A 377 57.34 -6.94 26.52
C ALA A 377 56.84 -7.44 25.16
N LEU A 378 56.76 -8.75 25.07
CA LEU A 378 56.33 -9.47 23.90
C LEU A 378 55.33 -10.53 24.35
N LYS A 379 54.26 -10.70 23.61
CA LYS A 379 53.25 -11.68 23.95
C LYS A 379 52.71 -12.41 22.71
N GLU A 380 52.23 -13.64 22.91
CA GLU A 380 51.59 -14.43 21.87
C GLU A 380 50.08 -14.48 22.18
N TYR A 381 49.30 -14.11 21.18
CA TYR A 381 47.85 -14.13 21.18
C TYR A 381 47.41 -15.09 20.09
N GLY A 382 47.13 -16.34 20.48
CA GLY A 382 46.94 -17.41 19.52
C GLY A 382 48.16 -17.59 18.62
N VAL A 383 47.93 -17.46 17.30
CA VAL A 383 48.98 -17.61 16.26
C VAL A 383 49.68 -16.27 16.03
N MET A 384 49.26 -15.20 16.69
CA MET A 384 49.87 -13.88 16.47
C MET A 384 50.86 -13.55 17.59
N ARG A 385 51.93 -12.87 17.23
CA ARG A 385 52.88 -12.37 18.18
C ARG A 385 52.86 -10.85 18.06
N VAL A 386 52.92 -10.16 19.20
CA VAL A 386 52.93 -8.69 19.25
C VAL A 386 54.03 -8.25 20.21
N ARG A 387 54.92 -7.39 19.77
CA ARG A 387 55.89 -6.80 20.64
C ARG A 387 55.54 -5.33 20.83
N ASN A 388 55.54 -4.81 22.07
CA ASN A 388 55.42 -3.37 22.32
C ASN A 388 56.84 -2.80 22.38
N VAL A 389 57.17 -2.08 21.32
CA VAL A 389 58.49 -1.61 21.08
C VAL A 389 58.71 -0.36 21.92
N LYS A 390 57.71 0.49 21.98
CA LYS A 390 57.90 1.79 22.59
C LYS A 390 56.57 2.52 22.77
N GLU A 391 56.43 3.18 23.92
CA GLU A 391 55.29 4.06 24.25
C GLU A 391 55.71 5.53 24.34
N SER A 392 54.90 6.44 23.78
CA SER A 392 55.14 7.89 23.87
C SER A 392 53.89 8.57 24.42
N ALA A 393 54.00 9.24 25.57
CA ALA A 393 52.88 9.93 26.18
C ALA A 393 52.78 11.32 25.57
N ALA A 394 51.61 11.66 25.07
CA ALA A 394 51.31 13.02 24.66
C ALA A 394 50.20 13.56 25.56
N HIS A 395 49.86 14.84 25.45
CA HIS A 395 48.91 15.40 26.40
C HIS A 395 47.59 14.63 26.41
N ASP A 396 47.00 14.33 25.25
CA ASP A 396 45.64 13.74 25.26
C ASP A 396 45.59 12.20 25.02
N TYR A 397 46.73 11.63 24.67
CA TYR A 397 46.83 10.27 24.25
C TYR A 397 48.24 9.73 24.54
N THR A 398 48.34 8.41 24.48
CA THR A 398 49.56 7.64 24.45
C THR A 398 49.70 6.96 23.08
N LEU A 399 50.89 6.94 22.49
CA LEU A 399 51.15 6.14 21.29
C LEU A 399 51.97 4.88 21.65
N ARG A 400 51.51 3.73 21.21
CA ARG A 400 52.18 2.50 21.41
C ARG A 400 52.58 1.98 20.04
N GLU A 401 53.89 1.78 19.90
CA GLU A 401 54.49 1.27 18.69
C GLU A 401 54.55 -0.25 18.84
N LEU A 402 53.68 -0.96 18.12
CA LEU A 402 53.57 -2.41 18.26
C LEU A 402 54.09 -3.09 16.99
N LYS A 403 54.61 -4.30 17.16
CA LYS A 403 55.07 -5.09 16.05
C LYS A 403 54.32 -6.42 16.04
N LEU A 404 53.64 -6.67 14.92
CA LEU A 404 52.71 -7.78 14.81
C LEU A 404 53.20 -8.75 13.74
N SER A 405 53.26 -10.02 14.09
CA SER A 405 53.72 -11.03 13.17
C SER A 405 52.97 -12.34 13.44
N LYS A 406 53.04 -13.21 12.47
CA LYS A 406 52.49 -14.53 12.59
C LYS A 406 53.57 -15.49 13.09
N VAL A 407 53.21 -16.20 14.16
CA VAL A 407 54.20 -17.06 14.76
C VAL A 407 54.65 -18.06 13.69
N GLY A 408 55.97 -18.24 13.58
CA GLY A 408 56.60 -19.25 12.71
C GLY A 408 56.82 -18.76 11.29
N GLN A 409 56.56 -17.47 11.04
CA GLN A 409 56.72 -16.90 9.70
C GLN A 409 57.32 -15.50 9.82
N GLY A 410 58.64 -15.50 9.77
CA GLY A 410 59.40 -14.29 9.63
C GLY A 410 59.12 -13.66 8.28
N ASN A 411 59.33 -12.35 8.26
CA ASN A 411 59.03 -11.53 7.12
C ASN A 411 57.51 -11.30 7.02
N THR A 412 56.72 -11.67 8.04
CA THR A 412 55.33 -11.20 8.10
C THR A 412 55.23 -10.07 9.13
N GLU A 413 56.35 -9.70 9.79
CA GLU A 413 56.28 -8.68 10.85
C GLU A 413 55.88 -7.35 10.20
N ARG A 414 54.94 -6.62 10.79
CA ARG A 414 54.65 -5.23 10.41
C ARG A 414 54.37 -4.41 11.67
N THR A 415 54.62 -3.11 11.56
CA THR A 415 54.38 -2.15 12.65
C THR A 415 52.90 -1.72 12.65
N VAL A 416 52.29 -1.86 13.82
CA VAL A 416 50.96 -1.36 14.08
C VAL A 416 51.05 -0.26 15.15
N TRP A 417 50.68 0.95 14.79
CA TRP A 417 50.68 2.09 15.67
C TRP A 417 49.34 2.25 16.37
N GLN A 418 49.31 2.10 17.70
CA GLN A 418 48.11 2.23 18.51
C GLN A 418 48.08 3.59 19.19
N TYR A 419 47.10 4.41 18.81
CA TYR A 419 46.86 5.71 19.35
C TYR A 419 45.73 5.60 20.38
N HIS A 420 46.07 5.87 21.63
CA HIS A 420 45.10 5.62 22.69
C HIS A 420 44.69 6.97 23.28
N PHE A 421 43.54 7.45 22.85
CA PHE A 421 42.97 8.66 23.36
C PHE A 421 42.51 8.43 24.80
N ARG A 422 43.00 9.24 25.73
CA ARG A 422 42.97 8.93 27.19
C ARG A 422 42.07 9.89 27.96
N THR A 423 41.77 11.08 27.44
CA THR A 423 41.11 12.13 28.21
C THR A 423 39.62 12.32 27.87
N TRP A 424 39.04 11.51 27.01
CA TRP A 424 37.60 11.68 26.76
C TRP A 424 36.83 11.59 28.09
N PRO A 425 36.01 12.59 28.42
CA PRO A 425 35.31 12.65 29.71
C PRO A 425 34.38 11.43 29.85
N ASP A 426 34.06 11.00 31.07
CA ASP A 426 33.31 9.76 31.28
C ASP A 426 31.91 9.82 30.70
N HIS A 427 31.27 10.98 30.83
CA HIS A 427 29.94 11.25 30.26
C HIS A 427 30.04 12.52 29.39
N GLY A 428 29.27 12.60 28.31
CA GLY A 428 29.28 13.83 27.52
C GLY A 428 30.49 13.85 26.59
N VAL A 429 30.93 15.04 26.19
CA VAL A 429 31.92 15.22 25.11
C VAL A 429 32.92 16.27 25.62
N PRO A 430 34.17 16.29 25.08
CA PRO A 430 35.05 17.39 25.48
C PRO A 430 34.43 18.75 25.12
N SER A 431 34.69 19.75 25.96
CA SER A 431 34.13 21.08 25.77
C SER A 431 34.84 21.76 24.60
N ASP A 432 36.06 21.36 24.30
CA ASP A 432 36.82 21.85 23.16
C ASP A 432 37.32 20.70 22.25
N PRO A 433 37.31 20.88 20.93
CA PRO A 433 37.77 19.82 20.04
C PRO A 433 39.26 19.75 19.67
N GLY A 434 40.06 20.75 19.95
CA GLY A 434 41.43 20.79 19.49
C GLY A 434 42.17 19.50 19.83
N GLY A 435 41.94 18.93 21.02
CA GLY A 435 42.62 17.68 21.39
C GLY A 435 42.33 16.56 20.42
N VAL A 436 41.02 16.41 20.11
CA VAL A 436 40.55 15.41 19.18
C VAL A 436 41.15 15.67 17.81
N LEU A 437 41.03 16.91 17.32
CA LEU A 437 41.56 17.26 15.99
C LEU A 437 43.07 16.99 15.89
N ASP A 438 43.83 17.28 16.93
CA ASP A 438 45.31 17.11 16.88
C ASP A 438 45.64 15.61 16.78
N PHE A 439 44.87 14.82 17.53
CA PHE A 439 44.99 13.39 17.54
C PHE A 439 44.71 12.80 16.15
N LEU A 440 43.59 13.19 15.50
CA LEU A 440 43.22 12.63 14.15
C LEU A 440 44.21 13.13 13.06
N GLU A 441 44.72 14.35 13.14
CA GLU A 441 45.79 14.76 12.20
C GLU A 441 46.97 13.79 12.26
N GLU A 442 47.40 13.48 13.49
CA GLU A 442 48.53 12.59 13.69
C GLU A 442 48.20 11.17 13.18
N VAL A 443 47.02 10.67 13.54
CA VAL A 443 46.57 9.35 13.04
C VAL A 443 46.55 9.33 11.51
N HIS A 444 46.11 10.44 10.93
CA HIS A 444 46.02 10.56 9.49
C HIS A 444 47.42 10.55 8.85
N HIS A 445 48.40 11.28 9.43
CA HIS A 445 49.72 11.32 8.80
C HIS A 445 50.41 9.96 8.86
N LYS A 446 50.21 9.23 9.97
CA LYS A 446 50.81 7.92 10.15
C LYS A 446 50.23 6.94 9.12
N GLN A 447 48.90 6.92 9.04
CA GLN A 447 48.18 6.10 8.06
C GLN A 447 48.70 6.41 6.65
N GLU A 448 48.78 7.70 6.32
CA GLU A 448 49.10 8.06 4.94
C GLU A 448 50.59 7.77 4.70
N SER A 449 51.39 7.57 5.75
CA SER A 449 52.83 7.35 5.61
C SER A 449 53.13 5.89 5.25
N ILE A 450 52.16 4.98 5.36
CA ILE A 450 52.43 3.58 5.14
C ILE A 450 51.72 3.13 3.85
N MET A 451 52.54 2.68 2.88
CA MET A 451 52.05 2.21 1.54
C MET A 451 51.08 1.02 1.70
N ASP A 452 49.94 1.14 1.04
CA ASP A 452 48.82 0.16 1.16
C ASP A 452 48.48 -0.32 2.58
N ALA A 453 48.64 0.55 3.59
CA ALA A 453 48.00 0.32 4.87
C ALA A 453 46.54 -0.09 4.62
N GLY A 454 46.03 -1.00 5.42
CA GLY A 454 44.64 -1.35 5.43
C GLY A 454 43.82 -0.32 6.18
N PRO A 455 42.57 -0.68 6.50
CA PRO A 455 41.67 0.25 7.16
C PRO A 455 42.14 0.55 8.57
N VAL A 456 41.91 1.77 9.05
CA VAL A 456 42.26 2.19 10.40
C VAL A 456 41.28 1.52 11.35
N VAL A 457 41.75 0.81 12.38
CA VAL A 457 40.84 0.22 13.29
C VAL A 457 40.48 1.26 14.37
N VAL A 458 39.17 1.46 14.62
CA VAL A 458 38.67 2.36 15.65
C VAL A 458 37.73 1.59 16.59
N HIS A 459 37.94 1.73 17.90
CA HIS A 459 37.13 1.03 18.83
C HIS A 459 37.05 1.82 20.13
N CYS A 460 35.90 1.68 20.81
CA CYS A 460 35.65 2.22 22.14
C CYS A 460 35.17 1.04 22.98
N SER A 461 34.01 1.15 23.62
CA SER A 461 33.42 0.04 24.38
CA SER A 461 33.39 0.07 24.38
C SER A 461 32.51 -0.80 23.47
N ALA A 462 31.35 -0.25 23.09
CA ALA A 462 30.38 -0.97 22.23
C ALA A 462 30.72 -0.73 20.75
N GLY A 463 31.50 0.31 20.50
CA GLY A 463 32.02 0.58 19.20
C GLY A 463 31.05 1.37 18.32
N ILE A 464 30.14 2.13 18.91
CA ILE A 464 29.18 2.88 18.12
C ILE A 464 29.16 4.35 18.52
N GLY A 465 29.40 4.75 19.78
CA GLY A 465 29.20 6.18 20.11
C GLY A 465 30.42 7.06 19.81
N ARG A 466 31.45 6.89 20.63
CA ARG A 466 32.71 7.60 20.41
C ARG A 466 33.28 7.17 19.05
N THR A 467 33.24 5.87 18.81
CA THR A 467 33.82 5.31 17.61
C THR A 467 33.21 5.97 16.37
N GLY A 468 31.90 6.20 16.39
CA GLY A 468 31.29 6.82 15.22
C GLY A 468 31.56 8.31 15.18
N THR A 469 31.66 8.92 16.32
CA THR A 469 31.94 10.33 16.35
C THR A 469 33.36 10.59 15.80
N PHE A 470 34.36 9.80 16.23
CA PHE A 470 35.73 9.97 15.70
C PHE A 470 35.75 9.71 14.20
N ILE A 471 35.06 8.65 13.74
CA ILE A 471 35.09 8.29 12.32
C ILE A 471 34.43 9.42 11.53
N VAL A 472 33.33 9.95 12.03
CA VAL A 472 32.59 10.91 11.19
C VAL A 472 33.42 12.19 11.15
N ILE A 473 33.95 12.64 12.27
CA ILE A 473 34.84 13.80 12.20
C ILE A 473 35.99 13.48 11.20
N ASP A 474 36.55 12.29 11.24
CA ASP A 474 37.70 12.01 10.34
C ASP A 474 37.29 12.11 8.87
N ILE A 475 36.14 11.56 8.51
CA ILE A 475 35.62 11.64 7.12
C ILE A 475 35.46 13.10 6.67
N LEU A 476 34.91 13.96 7.52
CA LEU A 476 34.61 15.33 7.09
C LEU A 476 35.88 16.15 6.95
N ILE A 477 36.80 16.01 7.92
CA ILE A 477 38.10 16.76 7.87
C ILE A 477 38.81 16.42 6.56
N ASP A 478 38.72 15.13 6.20
CA ASP A 478 39.45 14.60 5.07
C ASP A 478 39.00 15.30 3.83
N ILE A 479 37.70 15.48 3.70
CA ILE A 479 37.17 16.22 2.54
C ILE A 479 37.84 17.59 2.52
N ILE A 480 37.79 18.29 3.64
CA ILE A 480 38.32 19.66 3.72
C ILE A 480 39.84 19.67 3.47
N ARG A 481 40.54 18.66 3.96
CA ARG A 481 41.99 18.54 3.74
C ARG A 481 42.27 18.44 2.23
N GLU A 482 41.54 17.62 1.48
CA GLU A 482 41.74 17.49 0.02
C GLU A 482 41.20 18.73 -0.69
N LYS A 483 39.90 18.97 -0.58
CA LYS A 483 39.24 20.02 -1.40
C LYS A 483 39.43 21.43 -0.80
N GLY A 484 40.13 21.56 0.33
CA GLY A 484 40.24 22.88 0.95
C GLY A 484 38.91 23.38 1.48
N VAL A 485 38.83 24.69 1.65
CA VAL A 485 37.82 25.34 2.47
C VAL A 485 36.55 25.63 1.64
N ASP A 486 36.65 25.67 0.31
CA ASP A 486 35.51 25.91 -0.59
C ASP A 486 34.95 24.60 -1.17
N CYS A 487 34.44 23.75 -0.28
CA CYS A 487 33.90 22.43 -0.63
C CYS A 487 32.55 22.23 0.08
N ASP A 488 31.76 21.26 -0.40
CA ASP A 488 30.46 20.97 0.21
C ASP A 488 30.50 19.86 1.26
N ILE A 489 30.03 20.15 2.48
CA ILE A 489 29.87 19.11 3.54
C ILE A 489 28.41 19.02 3.98
N ASP A 490 28.02 17.82 4.42
CA ASP A 490 26.67 17.53 4.86
C ASP A 490 26.72 16.57 6.06
N VAL A 491 26.68 17.13 7.27
CA VAL A 491 26.96 16.34 8.45
C VAL A 491 25.90 15.23 8.59
N PRO A 492 24.59 15.56 8.66
CA PRO A 492 23.65 14.44 8.82
C PRO A 492 23.74 13.38 7.71
N LYS A 493 23.94 13.82 6.47
CA LYS A 493 24.02 12.85 5.39
C LYS A 493 25.22 11.94 5.64
N THR A 494 26.35 12.51 6.09
CA THR A 494 27.53 11.69 6.32
C THR A 494 27.23 10.67 7.44
N ILE A 495 26.60 11.13 8.51
CA ILE A 495 26.27 10.22 9.64
C ILE A 495 25.31 9.14 9.09
N GLN A 496 24.31 9.51 8.30
CA GLN A 496 23.35 8.49 7.82
C GLN A 496 24.11 7.41 7.04
N MET A 497 25.07 7.81 6.22
CA MET A 497 25.79 6.83 5.37
C MET A 497 26.60 5.86 6.28
N VAL A 498 27.08 6.37 7.41
CA VAL A 498 27.94 5.57 8.25
C VAL A 498 27.05 4.64 9.06
N ARG A 499 25.94 5.17 9.50
CA ARG A 499 24.94 4.34 10.24
C ARG A 499 24.38 3.21 9.38
N SER A 500 24.46 3.34 8.06
CA SER A 500 24.00 2.28 7.23
C SER A 500 25.04 1.17 7.22
N GLN A 501 26.24 1.44 7.78
CA GLN A 501 27.30 0.42 7.78
C GLN A 501 27.58 -0.14 9.20
N ARG A 502 27.23 0.54 10.27
CA ARG A 502 27.19 -0.12 11.59
C ARG A 502 26.07 0.54 12.40
N SER A 503 25.30 -0.28 13.13
CA SER A 503 24.14 0.24 13.88
C SER A 503 24.52 1.42 14.78
N GLY A 504 23.85 2.54 14.61
CA GLY A 504 23.80 3.59 15.63
C GLY A 504 25.12 4.35 15.81
N MET A 505 25.94 4.41 14.77
CA MET A 505 27.12 5.24 14.80
C MET A 505 26.74 6.71 15.02
N VAL A 506 27.37 7.30 16.05
CA VAL A 506 27.07 8.58 16.61
C VAL A 506 25.79 8.48 17.44
N GLN A 507 25.91 8.51 18.77
CA GLN A 507 24.84 8.10 19.68
C GLN A 507 24.00 9.29 20.15
N THR A 508 24.53 10.50 20.30
CA THR A 508 23.77 11.48 21.02
C THR A 508 23.97 12.83 20.38
N GLU A 509 23.01 13.69 20.71
CA GLU A 509 22.99 15.06 20.26
C GLU A 509 24.26 15.80 20.65
N ALA A 510 24.82 15.54 21.84
CA ALA A 510 26.08 16.21 22.28
C ALA A 510 27.22 15.85 21.30
N GLN A 511 27.32 14.59 20.94
CA GLN A 511 28.30 14.15 19.96
C GLN A 511 28.05 14.83 18.62
N TYR A 512 26.77 15.05 18.27
CA TYR A 512 26.38 15.70 17.01
C TYR A 512 26.81 17.17 16.98
N ARG A 513 26.65 17.87 18.06
CA ARG A 513 27.10 19.23 18.11
C ARG A 513 28.64 19.29 18.06
N PHE A 514 29.31 18.38 18.75
CA PHE A 514 30.77 18.26 18.79
C PHE A 514 31.36 18.08 17.38
N ILE A 515 30.64 17.37 16.52
CA ILE A 515 31.15 17.06 15.20
C ILE A 515 31.22 18.38 14.42
N TYR A 516 30.11 19.10 14.47
CA TYR A 516 30.04 20.47 13.99
C TYR A 516 31.13 21.34 14.63
N MET A 517 31.30 21.28 15.94
CA MET A 517 32.28 22.16 16.60
C MET A 517 33.68 21.82 16.07
N ALA A 518 34.00 20.53 16.04
CA ALA A 518 35.25 20.00 15.47
C ALA A 518 35.54 20.54 14.06
N VAL A 519 34.56 20.48 13.19
CA VAL A 519 34.76 20.87 11.79
C VAL A 519 34.88 22.39 11.71
N GLN A 520 34.08 23.11 12.49
CA GLN A 520 34.24 24.53 12.57
C GLN A 520 35.69 24.88 13.00
N HIS A 521 36.20 24.23 14.05
CA HIS A 521 37.52 24.54 14.63
C HIS A 521 38.60 24.23 13.58
N TYR A 522 38.37 23.16 12.80
CA TYR A 522 39.28 22.78 11.72
C TYR A 522 39.27 23.86 10.63
N ILE A 523 38.09 24.32 10.27
CA ILE A 523 38.02 25.33 9.26
C ILE A 523 38.65 26.63 9.78
N GLU A 524 38.46 27.01 11.04
CA GLU A 524 39.01 28.32 11.50
C GLU A 524 40.54 28.28 11.40
N THR A 525 41.14 27.18 11.84
CA THR A 525 42.58 27.01 11.81
C THR A 525 43.10 27.19 10.38
N LEU A 526 42.37 26.65 9.43
CA LEU A 526 42.79 26.64 8.03
C LEU A 526 42.85 28.07 7.49
N GLN A 527 41.95 28.92 7.97
CA GLN A 527 41.79 30.28 7.45
C GLN A 527 42.70 31.26 8.20
N ARG A 528 43.07 30.96 9.45
CA ARG A 528 44.02 31.82 10.16
C ARG A 528 45.40 31.66 9.53
N ARG A 529 45.75 30.43 9.11
CA ARG A 529 46.95 30.14 8.27
C ARG A 529 47.04 31.14 7.11
N LEU A 530 45.95 31.22 6.34
CA LEU A 530 45.85 32.07 5.15
C LEU A 530 45.21 33.42 5.53
N SER B 4 -11.51 4.69 -2.92
CA SER B 4 -12.49 3.97 -2.05
C SER B 4 -13.44 3.10 -2.88
N ARG B 5 -13.76 1.94 -2.31
CA ARG B 5 -14.78 1.05 -2.83
C ARG B 5 -15.78 0.68 -1.72
N ARG B 6 -15.77 1.47 -0.62
CA ARG B 6 -16.55 1.14 0.58
C ARG B 6 -17.41 2.32 1.05
N TRP B 7 -17.67 3.29 0.16
CA TRP B 7 -18.65 4.42 0.38
C TRP B 7 -20.10 3.92 0.49
N PHE B 8 -20.39 2.63 0.25
CA PHE B 8 -21.80 2.12 0.30
C PHE B 8 -22.03 1.37 1.61
N HIS B 9 -23.03 1.82 2.39
CA HIS B 9 -23.36 1.24 3.70
C HIS B 9 -24.69 0.47 3.61
N PRO B 10 -24.65 -0.87 3.56
CA PRO B 10 -25.81 -1.66 3.14
C PRO B 10 -26.89 -1.78 4.22
N ASN B 11 -26.52 -1.50 5.46
CA ASN B 11 -27.36 -1.88 6.61
C ASN B 11 -27.46 -0.69 7.58
N ILE B 12 -27.30 0.53 7.06
CA ILE B 12 -27.46 1.79 7.83
C ILE B 12 -28.90 2.31 7.65
N THR B 13 -29.40 3.15 8.54
CA THR B 13 -30.63 3.91 8.29
C THR B 13 -30.31 5.38 8.04
N GLY B 14 -31.35 6.11 7.63
CA GLY B 14 -31.25 7.53 7.32
C GLY B 14 -30.62 8.35 8.43
N VAL B 15 -31.18 8.27 9.62
CA VAL B 15 -30.70 9.07 10.74
C VAL B 15 -29.29 8.59 11.16
N GLU B 16 -28.93 7.31 10.93
CA GLU B 16 -27.55 6.86 11.25
C GLU B 16 -26.55 7.51 10.26
N ALA B 17 -26.91 7.51 8.98
CA ALA B 17 -26.20 8.18 7.90
C ALA B 17 -25.93 9.64 8.24
N GLU B 18 -26.96 10.35 8.71
CA GLU B 18 -26.80 11.75 9.03
C GLU B 18 -25.76 11.90 10.13
N ASN B 19 -25.90 11.04 11.13
CA ASN B 19 -25.10 11.07 12.33
C ASN B 19 -23.66 10.73 11.98
N LEU B 20 -23.45 9.73 11.12
CA LEU B 20 -22.11 9.41 10.64
C LEU B 20 -21.50 10.63 9.96
N LEU B 21 -22.25 11.26 9.06
CA LEU B 21 -21.70 12.37 8.27
C LEU B 21 -21.45 13.60 9.15
N LEU B 22 -22.23 13.79 10.22
CA LEU B 22 -22.03 14.97 11.08
C LEU B 22 -20.81 14.80 12.00
N THR B 23 -20.50 13.57 12.42
CA THR B 23 -19.55 13.32 13.50
C THR B 23 -18.19 12.90 12.92
N ARG B 24 -18.21 12.14 11.83
CA ARG B 24 -16.98 11.56 11.29
C ARG B 24 -16.70 12.10 9.88
N GLY B 25 -17.37 13.20 9.51
CA GLY B 25 -17.18 13.76 8.21
C GLY B 25 -17.11 15.27 8.23
N VAL B 26 -16.90 15.81 7.04
CA VAL B 26 -16.78 17.25 6.79
C VAL B 26 -17.55 17.57 5.52
N ASP B 27 -17.69 18.84 5.21
CA ASP B 27 -18.41 19.25 4.03
C ASP B 27 -17.82 18.57 2.83
N GLY B 28 -18.66 17.87 2.10
CA GLY B 28 -18.25 17.20 0.91
C GLY B 28 -18.10 15.73 1.16
N SER B 29 -18.26 15.29 2.42
CA SER B 29 -18.37 13.87 2.66
C SER B 29 -19.70 13.35 2.10
N PHE B 30 -19.72 12.07 1.76
CA PHE B 30 -20.92 11.42 1.21
C PHE B 30 -20.84 9.90 1.40
N LEU B 31 -22.03 9.31 1.41
CA LEU B 31 -22.17 7.88 1.36
C LEU B 31 -23.40 7.57 0.53
N ALA B 32 -23.53 6.32 0.15
CA ALA B 32 -24.71 5.86 -0.49
C ALA B 32 -25.25 4.70 0.36
N ARG B 33 -26.55 4.46 0.23
CA ARG B 33 -27.20 3.42 1.04
C ARG B 33 -28.50 3.01 0.36
N PRO B 34 -29.00 1.81 0.71
CA PRO B 34 -30.25 1.29 0.19
C PRO B 34 -31.30 2.24 0.74
N SER B 35 -32.31 2.56 -0.03
CA SER B 35 -33.37 3.38 0.50
C SER B 35 -34.17 2.51 1.47
N LYS B 36 -34.42 3.03 2.67
CA LYS B 36 -35.32 2.39 3.60
C LYS B 36 -36.76 2.49 3.06
N SER B 37 -37.08 3.63 2.48
CA SER B 37 -38.46 3.99 2.14
C SER B 37 -38.94 3.26 0.87
N ASN B 38 -38.20 3.39 -0.23
CA ASN B 38 -38.60 2.76 -1.48
C ASN B 38 -37.58 1.65 -1.81
N PRO B 39 -37.85 0.41 -1.35
CA PRO B 39 -37.21 -0.83 -1.82
C PRO B 39 -36.76 -0.83 -3.29
N GLY B 40 -35.51 -1.21 -3.50
CA GLY B 40 -34.87 -1.20 -4.83
C GLY B 40 -34.52 0.20 -5.31
N ASP B 41 -34.72 1.23 -4.48
CA ASP B 41 -34.09 2.53 -4.73
C ASP B 41 -32.92 2.79 -3.70
N PHE B 42 -32.22 3.90 -3.89
CA PHE B 42 -31.02 4.21 -3.12
C PHE B 42 -31.01 5.69 -2.76
N THR B 43 -30.18 6.04 -1.78
CA THR B 43 -30.02 7.42 -1.42
C THR B 43 -28.52 7.77 -1.43
N LEU B 44 -28.23 8.96 -1.93
CA LEU B 44 -26.97 9.59 -1.81
C LEU B 44 -27.05 10.60 -0.67
N SER B 45 -26.45 10.30 0.48
CA SER B 45 -26.46 11.20 1.63
C SER B 45 -25.16 12.02 1.63
N VAL B 46 -25.28 13.33 1.77
CA VAL B 46 -24.20 14.23 1.38
C VAL B 46 -24.18 15.41 2.36
N ARG B 47 -23.00 15.69 2.92
CA ARG B 47 -22.84 16.86 3.83
C ARG B 47 -22.50 18.12 3.01
N ARG B 48 -23.14 19.24 3.33
CA ARG B 48 -22.78 20.54 2.78
C ARG B 48 -23.26 21.63 3.74
N ASN B 49 -22.43 22.66 3.98
CA ASN B 49 -22.75 23.80 4.89
C ASN B 49 -23.10 23.34 6.31
N GLY B 50 -22.49 22.27 6.81
CA GLY B 50 -22.77 21.77 8.15
C GLY B 50 -24.09 21.01 8.27
N ALA B 51 -24.77 20.69 7.17
CA ALA B 51 -26.02 19.91 7.21
C ALA B 51 -25.96 18.77 6.20
N VAL B 52 -26.84 17.79 6.33
CA VAL B 52 -26.89 16.63 5.43
C VAL B 52 -28.06 16.79 4.44
N THR B 53 -27.76 16.66 3.17
CA THR B 53 -28.79 16.59 2.15
C THR B 53 -28.89 15.14 1.65
N HIS B 54 -30.10 14.67 1.34
CA HIS B 54 -30.28 13.30 0.86
C HIS B 54 -30.88 13.37 -0.54
N ILE B 55 -30.28 12.66 -1.48
CA ILE B 55 -30.71 12.67 -2.86
C ILE B 55 -31.12 11.24 -3.23
N LYS B 56 -32.26 11.11 -3.90
CA LYS B 56 -32.79 9.80 -4.26
C LYS B 56 -32.17 9.35 -5.57
N ILE B 57 -31.94 8.04 -5.63
CA ILE B 57 -31.56 7.38 -6.82
C ILE B 57 -32.54 6.25 -7.03
N GLN B 58 -33.11 6.20 -8.22
CA GLN B 58 -34.13 5.23 -8.56
C GLN B 58 -33.53 4.20 -9.53
N ASN B 59 -33.80 2.92 -9.30
CA ASN B 59 -33.50 1.93 -10.31
C ASN B 59 -34.75 1.11 -10.66
N THR B 60 -35.28 1.45 -11.83
CA THR B 60 -36.47 0.90 -12.55
C THR B 60 -36.24 -0.52 -13.09
N GLY B 61 -34.98 -0.88 -13.33
CA GLY B 61 -34.62 -2.03 -14.13
C GLY B 61 -33.73 -1.65 -15.30
N ASP B 62 -33.71 -0.39 -15.70
CA ASP B 62 -32.96 0.01 -16.89
C ASP B 62 -31.69 0.75 -16.59
N TYR B 63 -31.66 1.48 -15.49
CA TYR B 63 -30.53 2.29 -15.13
C TYR B 63 -30.82 2.94 -13.79
N TYR B 64 -29.77 3.50 -13.21
CA TYR B 64 -29.84 4.22 -11.98
C TYR B 64 -30.12 5.68 -12.31
N ASP B 65 -31.17 6.24 -11.72
CA ASP B 65 -31.59 7.57 -12.09
C ASP B 65 -31.42 8.45 -10.88
N LEU B 66 -30.39 9.29 -10.89
CA LEU B 66 -30.10 10.15 -9.77
C LEU B 66 -31.01 11.37 -9.87
N TYR B 67 -31.87 11.54 -8.88
CA TYR B 67 -32.81 12.62 -8.88
C TYR B 67 -32.06 13.94 -9.08
N GLY B 68 -32.40 14.67 -10.14
CA GLY B 68 -31.78 15.97 -10.46
C GLY B 68 -30.37 15.83 -11.01
N GLY B 69 -29.93 14.61 -11.28
CA GLY B 69 -28.68 14.37 -11.97
C GLY B 69 -28.93 13.55 -13.22
N GLU B 70 -27.93 12.79 -13.64
CA GLU B 70 -27.98 12.02 -14.88
C GLU B 70 -28.22 10.55 -14.55
N LYS B 71 -28.16 9.72 -15.58
CA LYS B 71 -28.45 8.30 -15.43
C LYS B 71 -27.14 7.52 -15.58
N PHE B 72 -27.02 6.41 -14.82
CA PHE B 72 -25.80 5.65 -14.70
C PHE B 72 -26.04 4.15 -14.72
N ALA B 73 -25.03 3.42 -15.17
CA ALA B 73 -25.10 1.99 -15.28
C ALA B 73 -24.80 1.29 -13.94
N THR B 74 -24.01 1.93 -13.07
CA THR B 74 -23.70 1.42 -11.69
C THR B 74 -23.43 2.61 -10.77
N LEU B 75 -23.58 2.42 -9.47
CA LEU B 75 -23.35 3.50 -8.48
C LEU B 75 -21.88 3.92 -8.45
N ALA B 76 -20.99 2.97 -8.72
CA ALA B 76 -19.56 3.25 -8.76
C ALA B 76 -19.28 4.18 -9.92
N GLU B 77 -19.88 3.92 -11.09
CA GLU B 77 -19.70 4.83 -12.21
C GLU B 77 -20.28 6.20 -11.86
N LEU B 78 -21.42 6.23 -11.17
CA LEU B 78 -22.05 7.50 -10.74
C LEU B 78 -21.08 8.25 -9.81
N VAL B 79 -20.55 7.56 -8.80
CA VAL B 79 -19.65 8.21 -7.84
C VAL B 79 -18.37 8.64 -8.56
N GLN B 80 -17.79 7.82 -9.42
CA GLN B 80 -16.58 8.23 -10.12
C GLN B 80 -16.84 9.48 -10.97
N TYR B 81 -18.03 9.54 -11.59
CA TYR B 81 -18.37 10.64 -12.49
C TYR B 81 -18.44 11.99 -11.75
N TYR B 82 -19.12 12.04 -10.61
CA TYR B 82 -19.22 13.32 -9.86
C TYR B 82 -17.86 13.63 -9.17
N MET B 83 -17.16 12.62 -8.68
CA MET B 83 -15.83 12.86 -8.09
C MET B 83 -14.84 13.40 -9.15
N GLU B 84 -15.22 13.45 -10.43
CA GLU B 84 -14.34 13.94 -11.50
C GLU B 84 -14.92 15.22 -12.09
N HIS B 85 -15.53 16.04 -11.22
CA HIS B 85 -16.01 17.38 -11.57
C HIS B 85 -15.89 18.30 -10.34
N GLN B 88 -21.57 20.04 -11.44
CA GLN B 88 -22.12 18.86 -12.09
C GLN B 88 -23.33 18.35 -11.28
N LEU B 89 -23.17 17.97 -10.01
CA LEU B 89 -24.36 17.59 -9.25
C LEU B 89 -25.00 18.84 -8.65
N LYS B 90 -26.10 19.24 -9.27
CA LYS B 90 -26.99 20.26 -8.75
C LYS B 90 -28.26 19.57 -8.20
N GLU B 91 -28.47 19.68 -6.89
CA GLU B 91 -29.57 18.97 -6.23
C GLU B 91 -30.82 19.87 -6.27
N LYS B 92 -31.13 20.52 -5.15
CA LYS B 92 -32.32 21.35 -5.04
C LYS B 92 -31.95 22.77 -5.45
N ASN B 93 -32.79 23.37 -6.31
CA ASN B 93 -32.64 24.77 -6.77
C ASN B 93 -31.74 24.81 -8.02
N GLY B 94 -30.98 23.74 -8.26
CA GLY B 94 -29.81 23.81 -9.10
C GLY B 94 -28.59 24.34 -8.35
N ASP B 95 -28.55 24.20 -7.01
CA ASP B 95 -27.37 24.59 -6.19
C ASP B 95 -26.30 23.50 -6.22
N VAL B 96 -25.02 23.85 -6.44
CA VAL B 96 -23.92 22.83 -6.57
C VAL B 96 -23.84 21.99 -5.30
N ILE B 97 -23.76 20.68 -5.49
CA ILE B 97 -23.50 19.74 -4.42
C ILE B 97 -22.25 18.95 -4.79
N GLU B 98 -21.15 19.16 -4.05
CA GLU B 98 -19.91 18.51 -4.44
C GLU B 98 -19.79 17.19 -3.68
N LEU B 99 -19.36 16.15 -4.39
CA LEU B 99 -18.98 14.87 -3.77
C LEU B 99 -17.43 14.82 -3.63
N LYS B 100 -16.94 14.92 -2.43
CA LYS B 100 -15.48 15.10 -2.27
C LYS B 100 -14.85 13.92 -1.52
N TYR B 101 -15.38 13.61 -0.35
CA TYR B 101 -14.76 12.67 0.54
C TYR B 101 -15.69 11.48 0.84
N PRO B 102 -15.43 10.31 0.27
CA PRO B 102 -16.16 9.10 0.59
C PRO B 102 -16.04 8.74 2.08
N LEU B 103 -17.16 8.42 2.70
CA LEU B 103 -17.22 8.03 4.07
C LEU B 103 -17.35 6.50 4.07
N ASN B 104 -16.30 5.85 4.57
CA ASN B 104 -16.13 4.39 4.47
C ASN B 104 -17.02 3.66 5.49
N CYS B 105 -17.40 2.46 5.11
CA CYS B 105 -18.25 1.63 5.90
C CYS B 105 -17.43 0.48 6.45
N ALA B 106 -17.56 0.16 7.75
CA ALA B 106 -16.75 -0.88 8.34
C ALA B 106 -17.42 -2.25 8.16
N ASP B 107 -18.74 -2.28 8.03
CA ASP B 107 -19.54 -3.49 7.93
C ASP B 107 -18.82 -4.45 6.97
N PRO B 108 -18.47 -5.65 7.41
CA PRO B 108 -17.96 -6.63 6.43
C PRO B 108 -18.87 -7.62 5.70
N THR B 109 -20.19 -7.58 5.89
CA THR B 109 -21.11 -8.62 5.34
C THR B 109 -21.17 -8.59 3.81
N SER B 110 -20.85 -7.46 3.17
CA SER B 110 -20.79 -7.39 1.69
C SER B 110 -19.51 -8.03 1.11
N GLU B 111 -18.64 -8.65 1.94
CA GLU B 111 -17.31 -8.99 1.42
C GLU B 111 -17.30 -10.49 1.13
N ARG B 112 -16.68 -10.89 0.04
CA ARG B 112 -16.79 -12.28 -0.37
C ARG B 112 -16.25 -13.21 0.72
N TRP B 113 -15.21 -12.76 1.42
CA TRP B 113 -14.41 -13.62 2.33
C TRP B 113 -15.10 -13.70 3.70
N PHE B 114 -16.11 -12.88 3.96
CA PHE B 114 -16.77 -12.86 5.30
C PHE B 114 -17.89 -13.91 5.41
N HIS B 115 -17.77 -14.84 6.37
CA HIS B 115 -18.69 -15.98 6.55
C HIS B 115 -19.45 -15.92 7.88
N GLY B 116 -19.18 -14.96 8.77
CA GLY B 116 -20.03 -14.73 9.94
C GLY B 116 -19.88 -15.84 10.97
N HIS B 117 -20.95 -16.20 11.69
CA HIS B 117 -20.81 -17.37 12.59
C HIS B 117 -20.63 -18.63 11.73
N LEU B 118 -19.50 -19.28 11.99
CA LEU B 118 -19.09 -20.53 11.37
C LEU B 118 -17.92 -21.06 12.18
N SER B 119 -18.04 -22.26 12.76
CA SER B 119 -16.99 -22.79 13.63
C SER B 119 -15.75 -23.13 12.81
N GLY B 120 -14.63 -23.38 13.49
CA GLY B 120 -13.37 -23.74 12.85
C GLY B 120 -13.46 -25.08 12.14
N LYS B 121 -14.35 -25.96 12.61
CA LYS B 121 -14.53 -27.28 12.05
C LYS B 121 -15.24 -27.16 10.70
N GLU B 122 -16.35 -26.43 10.69
CA GLU B 122 -17.09 -26.07 9.47
C GLU B 122 -16.16 -25.37 8.46
N ALA B 123 -15.36 -24.42 8.94
CA ALA B 123 -14.55 -23.59 8.04
C ALA B 123 -13.37 -24.42 7.51
N GLU B 124 -12.77 -25.25 8.36
CA GLU B 124 -11.69 -26.14 7.93
C GLU B 124 -12.17 -27.08 6.81
N LYS B 125 -13.40 -27.58 6.90
CA LYS B 125 -13.88 -28.60 5.95
C LYS B 125 -14.24 -27.90 4.63
N LEU B 126 -14.83 -26.71 4.74
CA LEU B 126 -15.03 -25.90 3.58
C LEU B 126 -13.71 -25.76 2.81
N LEU B 127 -12.65 -25.33 3.49
CA LEU B 127 -11.39 -25.06 2.81
C LEU B 127 -10.76 -26.37 2.31
N THR B 128 -10.92 -27.46 3.05
CA THR B 128 -10.45 -28.79 2.58
C THR B 128 -11.25 -29.26 1.37
N GLU B 129 -12.55 -28.95 1.30
CA GLU B 129 -13.41 -29.48 0.21
C GLU B 129 -13.38 -28.54 -0.99
N LYS B 130 -13.51 -27.24 -0.76
CA LYS B 130 -13.70 -26.29 -1.85
C LYS B 130 -12.42 -25.49 -2.13
N GLY B 131 -11.46 -25.43 -1.20
CA GLY B 131 -10.39 -24.41 -1.26
C GLY B 131 -9.13 -24.89 -1.95
N LYS B 132 -8.32 -23.90 -2.34
CA LYS B 132 -7.02 -24.15 -2.97
C LYS B 132 -5.95 -23.44 -2.13
N HIS B 133 -4.66 -23.59 -2.47
CA HIS B 133 -3.65 -22.73 -1.84
C HIS B 133 -4.12 -21.27 -1.91
N GLY B 134 -3.94 -20.59 -0.79
CA GLY B 134 -4.28 -19.20 -0.70
C GLY B 134 -5.75 -18.96 -0.44
N SER B 135 -6.61 -19.98 -0.34
CA SER B 135 -8.06 -19.66 -0.17
C SER B 135 -8.31 -19.25 1.29
N PHE B 136 -9.13 -18.24 1.55
CA PHE B 136 -9.31 -17.81 2.94
C PHE B 136 -10.73 -17.33 3.20
N LEU B 137 -11.00 -17.15 4.49
CA LEU B 137 -12.21 -16.53 4.97
C LEU B 137 -11.97 -15.91 6.34
N VAL B 138 -12.84 -14.96 6.71
CA VAL B 138 -13.00 -14.51 8.06
C VAL B 138 -14.32 -15.06 8.63
N ARG B 139 -14.25 -15.63 9.82
CA ARG B 139 -15.41 -16.13 10.56
C ARG B 139 -15.42 -15.54 11.96
N GLU B 140 -16.59 -15.50 12.60
CA GLU B 140 -16.70 -15.01 13.97
C GLU B 140 -16.04 -16.03 14.90
N SER B 141 -15.33 -15.55 15.92
CA SER B 141 -14.73 -16.44 16.91
C SER B 141 -15.81 -16.94 17.88
N GLN B 142 -15.72 -18.19 18.27
CA GLN B 142 -16.65 -18.75 19.25
C GLN B 142 -15.98 -18.84 20.63
N SER B 143 -14.68 -19.11 20.72
CA SER B 143 -14.00 -19.10 22.04
C SER B 143 -14.05 -17.69 22.66
N HIS B 144 -13.55 -16.71 21.91
CA HIS B 144 -13.53 -15.30 22.33
C HIS B 144 -14.65 -14.56 21.59
N PRO B 145 -15.81 -14.35 22.22
CA PRO B 145 -16.89 -13.72 21.44
C PRO B 145 -16.65 -12.22 21.26
N GLY B 146 -17.07 -11.70 20.13
CA GLY B 146 -16.74 -10.34 19.69
C GLY B 146 -15.57 -10.31 18.72
N ASP B 147 -14.58 -11.20 18.92
CA ASP B 147 -13.42 -11.37 18.04
C ASP B 147 -13.73 -12.18 16.75
N PHE B 148 -12.70 -12.32 15.91
CA PHE B 148 -12.81 -12.89 14.60
C PHE B 148 -11.61 -13.82 14.34
N VAL B 149 -11.77 -14.70 13.35
CA VAL B 149 -10.69 -15.63 12.99
C VAL B 149 -10.41 -15.50 11.49
N LEU B 150 -9.12 -15.47 11.11
CA LEU B 150 -8.79 -15.61 9.69
C LEU B 150 -8.29 -17.04 9.47
N SER B 151 -8.91 -17.73 8.53
CA SER B 151 -8.56 -19.13 8.27
C SER B 151 -8.01 -19.22 6.86
N VAL B 152 -6.77 -19.67 6.73
CA VAL B 152 -6.09 -19.68 5.45
C VAL B 152 -5.75 -21.14 5.12
N ARG B 153 -5.97 -21.54 3.85
CA ARG B 153 -5.45 -22.81 3.39
C ARG B 153 -4.09 -22.56 2.73
N THR B 154 -3.11 -23.43 2.96
CA THR B 154 -1.85 -23.35 2.20
C THR B 154 -1.41 -24.77 1.83
N GLY B 155 -0.97 -24.99 0.59
CA GLY B 155 -0.42 -26.29 0.17
C GLY B 155 -0.25 -26.44 -1.33
N ASP B 156 -0.27 -27.70 -1.79
CA ASP B 156 -0.33 -28.06 -3.20
C ASP B 156 -1.80 -28.12 -3.64
N SER B 161 -5.49 -36.23 -3.45
CA SER B 161 -4.21 -35.73 -3.00
C SER B 161 -4.41 -34.98 -1.67
N ASN B 162 -4.59 -35.74 -0.58
CA ASN B 162 -4.83 -35.17 0.75
C ASN B 162 -3.99 -35.92 1.80
N ASP B 163 -2.74 -35.49 1.97
CA ASP B 163 -1.85 -36.14 2.92
C ASP B 163 -0.77 -35.19 3.45
N GLY B 164 -1.20 -34.04 3.94
CA GLY B 164 -0.34 -33.18 4.76
C GLY B 164 0.66 -32.35 3.93
N LYS B 165 0.36 -32.14 2.65
CA LYS B 165 1.01 -31.09 1.88
C LYS B 165 0.24 -29.78 2.18
N SER B 166 -1.07 -29.91 2.23
CA SER B 166 -1.90 -28.80 2.59
C SER B 166 -2.10 -28.74 4.11
N LYS B 167 -2.70 -27.64 4.53
CA LYS B 167 -3.06 -27.36 5.92
C LYS B 167 -4.00 -26.14 5.97
N VAL B 168 -4.67 -25.98 7.10
CA VAL B 168 -5.40 -24.73 7.36
C VAL B 168 -4.79 -24.10 8.62
N THR B 169 -4.47 -22.81 8.53
CA THR B 169 -3.89 -22.05 9.66
C THR B 169 -4.95 -21.03 10.12
N HIS B 170 -5.22 -20.98 11.41
CA HIS B 170 -6.24 -20.07 11.95
C HIS B 170 -5.56 -18.87 12.61
N VAL B 171 -5.96 -17.63 12.32
CA VAL B 171 -5.29 -16.48 12.93
C VAL B 171 -6.32 -15.68 13.72
N MET B 172 -6.04 -15.45 15.01
CA MET B 172 -6.92 -14.63 15.88
C MET B 172 -6.83 -13.15 15.47
N ILE B 173 -8.06 -12.58 15.24
CA ILE B 173 -8.18 -11.16 15.07
C ILE B 173 -8.97 -10.65 16.27
N ARG B 174 -8.32 -9.79 17.02
CA ARG B 174 -8.88 -9.22 18.20
C ARG B 174 -9.61 -7.95 17.76
N CYS B 175 -10.81 -7.82 18.34
CA CYS B 175 -11.59 -6.63 18.27
C CYS B 175 -11.42 -5.90 19.59
N GLN B 176 -10.91 -4.67 19.52
CA GLN B 176 -10.56 -3.91 20.73
C GLN B 176 -10.88 -2.45 20.49
N GLU B 177 -11.68 -1.87 21.36
CA GLU B 177 -12.00 -0.45 21.26
C GLU B 177 -12.37 -0.11 19.81
N LEU B 178 -13.12 -1.04 19.20
CA LEU B 178 -13.68 -0.97 17.84
C LEU B 178 -12.60 -1.01 16.75
N LYS B 179 -11.43 -1.58 17.02
CA LYS B 179 -10.40 -1.71 15.99
C LYS B 179 -9.88 -3.15 15.97
N TYR B 180 -9.31 -3.50 14.81
CA TYR B 180 -9.01 -4.90 14.54
C TYR B 180 -7.49 -5.02 14.48
N ASP B 181 -6.91 -6.07 15.22
CA ASP B 181 -5.51 -6.47 14.96
C ASP B 181 -5.32 -7.97 15.14
N VAL B 182 -4.09 -8.42 14.62
CA VAL B 182 -3.74 -9.85 14.63
C VAL B 182 -2.89 -10.19 15.85
N GLY B 183 -2.91 -9.33 16.89
CA GLY B 183 -2.22 -9.64 18.17
C GLY B 183 -0.98 -8.78 18.39
N GLY B 184 -0.62 -8.00 17.37
CA GLY B 184 0.47 -7.03 17.39
C GLY B 184 0.49 -6.17 16.13
N GLY B 185 1.25 -5.06 16.15
CA GLY B 185 1.49 -4.21 14.97
C GLY B 185 0.43 -3.11 14.82
N GLU B 186 -0.14 -3.05 13.59
CA GLU B 186 -1.12 -2.06 13.26
C GLU B 186 -2.49 -2.56 13.77
N ARG B 187 -3.33 -1.61 14.12
CA ARG B 187 -4.71 -1.77 14.48
C ARG B 187 -5.52 -1.04 13.42
N PHE B 188 -6.54 -1.71 12.84
CA PHE B 188 -7.26 -1.29 11.64
C PHE B 188 -8.72 -0.95 11.99
N ASP B 189 -9.30 -0.05 11.22
CA ASP B 189 -10.66 0.41 11.53
C ASP B 189 -11.78 -0.46 10.99
N SER B 190 -11.44 -1.43 10.14
CA SER B 190 -12.41 -2.39 9.64
C SER B 190 -11.67 -3.70 9.34
N LEU B 191 -12.42 -4.81 9.32
CA LEU B 191 -11.85 -6.05 8.90
C LEU B 191 -11.36 -5.92 7.45
N THR B 192 -12.04 -5.09 6.65
CA THR B 192 -11.66 -4.91 5.25
C THR B 192 -10.23 -4.34 5.17
N ASP B 193 -9.98 -3.32 5.99
CA ASP B 193 -8.68 -2.67 6.02
C ASP B 193 -7.60 -3.68 6.41
N LEU B 194 -7.89 -4.52 7.43
CA LEU B 194 -6.99 -5.56 7.88
C LEU B 194 -6.77 -6.64 6.79
N VAL B 195 -7.82 -7.07 6.12
CA VAL B 195 -7.62 -8.05 5.13
C VAL B 195 -6.75 -7.45 4.02
N GLU B 196 -7.06 -6.22 3.59
CA GLU B 196 -6.38 -5.65 2.42
C GLU B 196 -4.91 -5.48 2.77
N HIS B 197 -4.65 -5.01 3.98
CA HIS B 197 -3.31 -4.98 4.46
C HIS B 197 -2.62 -6.35 4.34
N TYR B 198 -3.19 -7.44 4.86
CA TYR B 198 -2.39 -8.69 4.92
C TYR B 198 -2.46 -9.46 3.60
N LYS B 199 -3.25 -8.96 2.64
CA LYS B 199 -3.18 -9.41 1.21
C LYS B 199 -1.89 -8.92 0.53
N LYS B 200 -1.44 -7.72 0.87
CA LYS B 200 -0.26 -7.12 0.25
C LYS B 200 0.99 -7.44 1.07
N ASN B 201 0.85 -7.53 2.38
CA ASN B 201 1.99 -7.86 3.20
C ASN B 201 1.67 -9.13 3.99
N PRO B 202 1.84 -10.30 3.34
CA PRO B 202 1.37 -11.53 3.93
C PRO B 202 2.10 -11.79 5.26
N MET B 203 1.38 -12.45 6.18
CA MET B 203 1.98 -12.92 7.40
C MET B 203 2.91 -14.08 7.05
N VAL B 204 4.08 -14.06 7.68
CA VAL B 204 5.11 -15.08 7.53
C VAL B 204 5.28 -15.76 8.88
N GLU B 205 4.95 -17.05 8.96
CA GLU B 205 5.03 -17.79 10.22
C GLU B 205 6.49 -18.14 10.50
N THR B 206 6.68 -18.68 11.70
CA THR B 206 7.97 -18.81 12.35
C THR B 206 8.91 -19.74 11.57
N LEU B 207 8.37 -20.79 10.96
CA LEU B 207 9.23 -21.74 10.26
C LEU B 207 9.03 -21.58 8.75
N GLY B 208 8.33 -20.51 8.36
CA GLY B 208 8.51 -19.91 7.02
C GLY B 208 7.24 -19.91 6.19
N THR B 209 6.19 -20.61 6.61
CA THR B 209 4.96 -20.56 5.84
C THR B 209 4.53 -19.09 5.75
N VAL B 210 4.24 -18.70 4.51
CA VAL B 210 3.70 -17.41 4.14
C VAL B 210 2.19 -17.58 4.06
N LEU B 211 1.41 -16.85 4.84
CA LEU B 211 -0.04 -17.05 4.84
C LEU B 211 -0.68 -16.13 3.79
N GLN B 212 -0.47 -16.48 2.52
CA GLN B 212 -0.91 -15.67 1.39
C GLN B 212 -2.43 -15.77 1.30
N LEU B 213 -3.09 -14.62 1.17
CA LEU B 213 -4.52 -14.56 1.01
C LEU B 213 -4.85 -14.32 -0.47
N LYS B 214 -4.93 -15.38 -1.28
CA LYS B 214 -4.99 -15.25 -2.74
C LYS B 214 -6.44 -15.14 -3.23
N GLN B 215 -7.39 -15.83 -2.63
CA GLN B 215 -8.78 -15.71 -3.09
C GLN B 215 -9.75 -16.18 -2.00
N PRO B 216 -10.89 -15.50 -1.88
CA PRO B 216 -11.89 -15.96 -0.91
C PRO B 216 -12.43 -17.34 -1.29
N LEU B 217 -13.19 -17.93 -0.40
CA LEU B 217 -13.73 -19.24 -0.69
C LEU B 217 -14.98 -19.06 -1.57
N ASN B 218 -15.12 -19.85 -2.61
CA ASN B 218 -16.37 -19.83 -3.38
C ASN B 218 -17.49 -20.48 -2.56
N THR B 219 -18.57 -19.71 -2.29
CA THR B 219 -19.78 -20.26 -1.68
C THR B 219 -21.02 -20.06 -2.57
N THR B 220 -20.88 -19.71 -3.85
CA THR B 220 -22.09 -19.43 -4.71
C THR B 220 -22.34 -20.51 -5.76
N ARG B 221 -21.29 -21.22 -6.19
CA ARG B 221 -21.35 -22.30 -7.14
C ARG B 221 -22.24 -23.43 -6.61
N ILE B 222 -23.19 -23.94 -7.42
CA ILE B 222 -24.09 -25.04 -6.94
C ILE B 222 -24.25 -26.10 -8.04
N ASN B 223 -24.71 -27.27 -7.64
CA ASN B 223 -25.02 -28.31 -8.61
C ASN B 223 -26.40 -28.00 -9.21
N ALA B 224 -26.50 -27.88 -10.53
CA ALA B 224 -27.78 -27.49 -11.16
C ALA B 224 -28.96 -28.23 -10.51
N ALA B 225 -28.79 -29.51 -10.22
CA ALA B 225 -29.90 -30.35 -9.77
C ALA B 225 -30.39 -29.92 -8.39
N GLU B 226 -29.58 -29.17 -7.64
CA GLU B 226 -29.98 -28.73 -6.30
C GLU B 226 -30.45 -27.26 -6.33
N ILE B 227 -30.63 -26.68 -7.52
CA ILE B 227 -31.16 -25.31 -7.66
C ILE B 227 -32.36 -25.13 -6.72
N GLU B 228 -33.32 -26.05 -6.75
CA GLU B 228 -34.57 -25.83 -6.04
C GLU B 228 -34.25 -25.60 -4.55
N SER B 229 -33.31 -26.37 -3.98
CA SER B 229 -32.98 -26.26 -2.54
C SER B 229 -32.27 -24.92 -2.23
N ARG B 230 -31.46 -24.42 -3.15
CA ARG B 230 -30.71 -23.19 -2.91
C ARG B 230 -31.66 -21.98 -3.00
N VAL B 231 -32.61 -22.03 -3.94
CA VAL B 231 -33.59 -20.93 -4.06
C VAL B 231 -34.48 -20.87 -2.82
N ARG B 232 -34.81 -22.00 -2.22
CA ARG B 232 -35.56 -22.04 -0.96
C ARG B 232 -34.69 -21.33 0.12
N GLU B 233 -33.44 -21.75 0.30
CA GLU B 233 -32.56 -21.14 1.33
C GLU B 233 -32.51 -19.60 1.14
N LEU B 234 -32.31 -19.20 -0.11
CA LEU B 234 -32.13 -17.80 -0.45
C LEU B 234 -33.45 -17.04 -0.28
N SER B 235 -34.59 -17.74 -0.29
CA SER B 235 -35.91 -17.08 -0.14
C SER B 235 -36.28 -16.89 1.35
N LYS B 236 -35.52 -17.48 2.29
CA LYS B 236 -35.69 -17.27 3.76
C LYS B 236 -34.60 -16.32 4.25
N GLY B 247 -31.68 -13.99 2.04
CA GLY B 247 -30.52 -14.59 1.39
C GLY B 247 -30.23 -13.93 0.06
N PHE B 248 -31.26 -13.82 -0.80
CA PHE B 248 -31.12 -13.14 -2.10
C PHE B 248 -30.53 -11.74 -1.93
N TRP B 249 -30.95 -11.03 -0.89
CA TRP B 249 -30.57 -9.68 -0.73
C TRP B 249 -29.07 -9.65 -0.48
N GLU B 250 -28.60 -10.53 0.39
CA GLU B 250 -27.19 -10.49 0.80
C GLU B 250 -26.31 -10.99 -0.35
N GLU B 251 -26.77 -12.03 -1.07
CA GLU B 251 -26.00 -12.57 -2.19
C GLU B 251 -25.88 -11.47 -3.24
N PHE B 252 -26.96 -10.72 -3.47
CA PHE B 252 -26.89 -9.65 -4.49
C PHE B 252 -25.97 -8.52 -4.05
N GLU B 253 -26.08 -8.11 -2.78
CA GLU B 253 -25.18 -7.11 -2.17
C GLU B 253 -23.72 -7.50 -2.42
N THR B 254 -23.35 -8.74 -2.14
CA THR B 254 -21.96 -9.17 -2.25
C THR B 254 -21.49 -9.06 -3.70
N LEU B 255 -22.42 -9.25 -4.61
CA LEU B 255 -22.07 -9.12 -6.01
C LEU B 255 -21.95 -7.64 -6.40
N GLN B 256 -22.86 -6.88 -5.87
CA GLN B 256 -22.90 -5.51 -6.20
C GLN B 256 -21.55 -4.90 -5.77
N GLN B 257 -21.12 -5.20 -4.57
CA GLN B 257 -19.84 -4.59 -4.03
C GLN B 257 -18.69 -4.79 -5.02
N GLN B 258 -18.65 -5.92 -5.73
CA GLN B 258 -17.53 -6.22 -6.67
C GLN B 258 -17.55 -5.30 -7.92
N GLU B 259 -18.51 -4.40 -8.06
CA GLU B 259 -18.55 -3.57 -9.29
C GLU B 259 -17.48 -2.47 -9.24
N CYS B 260 -16.99 -2.11 -8.04
N CYS B 260 -17.01 -2.13 -8.04
CA CYS B 260 -15.87 -1.13 -7.90
CA CYS B 260 -15.94 -1.14 -7.88
C CYS B 260 -14.63 -1.61 -8.68
C CYS B 260 -14.67 -1.60 -8.64
N LYS B 261 -14.51 -2.90 -8.87
CA LYS B 261 -13.40 -3.45 -9.62
C LYS B 261 -13.60 -3.31 -11.13
N LEU B 262 -14.68 -2.68 -11.61
CA LEU B 262 -15.00 -2.78 -13.07
C LEU B 262 -15.02 -1.40 -13.72
N LEU B 263 -14.26 -0.44 -13.18
CA LEU B 263 -14.32 0.89 -13.75
C LEU B 263 -13.39 1.02 -14.93
N TYR B 264 -13.59 0.19 -15.94
CA TYR B 264 -12.74 0.24 -17.14
C TYR B 264 -12.98 1.56 -17.90
N SER B 265 -12.02 1.93 -18.75
CA SER B 265 -12.13 3.19 -19.43
C SER B 265 -13.24 3.09 -20.49
N ARG B 266 -13.79 4.25 -20.80
CA ARG B 266 -14.91 4.41 -21.70
C ARG B 266 -14.65 5.64 -22.58
N LYS B 267 -13.40 5.83 -22.98
CA LYS B 267 -13.02 7.12 -23.52
C LYS B 267 -13.69 7.37 -24.89
N GLU B 268 -13.80 6.35 -25.74
CA GLU B 268 -14.31 6.59 -27.11
C GLU B 268 -15.74 7.17 -27.05
N GLY B 269 -16.59 6.52 -26.25
CA GLY B 269 -17.96 6.95 -25.99
C GLY B 269 -18.07 8.35 -25.39
N GLN B 270 -17.02 8.82 -24.70
CA GLN B 270 -17.01 10.14 -24.08
C GLN B 270 -16.52 11.17 -25.10
N ARG B 271 -15.99 10.74 -26.24
CA ARG B 271 -15.51 11.75 -27.19
C ARG B 271 -16.68 12.64 -27.63
N GLN B 272 -16.35 13.90 -27.90
CA GLN B 272 -17.29 14.92 -28.31
C GLN B 272 -18.04 14.49 -29.58
N GLU B 273 -17.34 13.87 -30.52
CA GLU B 273 -17.94 13.56 -31.80
C GLU B 273 -18.92 12.39 -31.67
N ASN B 274 -18.79 11.61 -30.59
CA ASN B 274 -19.60 10.44 -30.40
C ASN B 274 -20.76 10.70 -29.44
N LYS B 275 -20.84 11.88 -28.85
CA LYS B 275 -21.74 12.11 -27.72
C LYS B 275 -23.21 11.91 -28.09
N ASN B 276 -23.65 12.40 -29.24
CA ASN B 276 -25.08 12.36 -29.53
C ASN B 276 -25.46 10.99 -30.10
N LYS B 277 -24.58 10.00 -29.96
CA LYS B 277 -24.85 8.61 -30.43
C LYS B 277 -25.16 7.68 -29.25
N ASN B 278 -25.20 8.25 -28.06
CA ASN B 278 -25.49 7.54 -26.84
C ASN B 278 -26.91 7.92 -26.39
N ARG B 279 -27.77 6.96 -26.09
CA ARG B 279 -29.08 7.29 -25.54
C ARG B 279 -28.96 8.07 -24.24
N TYR B 280 -28.00 7.70 -23.38
CA TYR B 280 -27.72 8.44 -22.11
C TYR B 280 -26.22 8.74 -22.04
N LYS B 281 -25.89 9.99 -21.80
CA LYS B 281 -24.52 10.51 -22.02
C LYS B 281 -23.49 9.69 -21.23
N ASN B 282 -23.83 9.11 -20.06
CA ASN B 282 -22.87 8.43 -19.19
C ASN B 282 -23.08 6.92 -19.15
N ILE B 283 -23.94 6.36 -20.00
CA ILE B 283 -23.96 4.93 -20.13
C ILE B 283 -23.26 4.57 -21.45
N LEU B 284 -22.14 3.88 -21.34
CA LEU B 284 -21.17 3.86 -22.42
C LEU B 284 -20.50 2.49 -22.48
N PRO B 285 -20.00 2.15 -23.66
CA PRO B 285 -19.40 0.85 -23.80
C PRO B 285 -17.93 0.86 -23.33
N PHE B 286 -17.44 -0.22 -22.76
CA PHE B 286 -16.03 -0.25 -22.38
C PHE B 286 -15.17 -0.21 -23.63
N ASP B 287 -14.08 0.55 -23.62
CA ASP B 287 -13.20 0.55 -24.78
C ASP B 287 -12.77 -0.85 -25.20
N HIS B 288 -12.38 -1.68 -24.25
CA HIS B 288 -11.71 -2.96 -24.60
C HIS B 288 -12.69 -3.97 -25.21
N THR B 289 -14.02 -3.80 -25.08
CA THR B 289 -14.93 -4.78 -25.74
C THR B 289 -15.93 -4.12 -26.70
N ARG B 290 -15.77 -2.82 -26.96
CA ARG B 290 -16.72 -2.15 -27.84
C ARG B 290 -16.62 -2.76 -29.25
N VAL B 291 -17.77 -2.79 -29.91
CA VAL B 291 -17.87 -3.10 -31.32
C VAL B 291 -17.33 -1.89 -32.08
N VAL B 292 -16.33 -2.13 -32.93
CA VAL B 292 -15.70 -1.12 -33.74
C VAL B 292 -16.18 -1.32 -35.17
N LEU B 293 -16.72 -0.27 -35.74
CA LEU B 293 -17.32 -0.29 -37.05
C LEU B 293 -16.24 0.10 -38.04
N HIS B 294 -15.97 -0.75 -39.01
CA HIS B 294 -14.98 -0.47 -40.04
C HIS B 294 -15.72 0.04 -41.28
N ASP B 295 -14.97 0.55 -42.24
CA ASP B 295 -15.49 0.83 -43.58
C ASP B 295 -16.60 1.90 -43.64
N GLY B 296 -16.60 2.84 -42.70
CA GLY B 296 -17.62 3.88 -42.64
C GLY B 296 -17.38 4.98 -43.68
N ASP B 297 -18.37 5.83 -43.83
CA ASP B 297 -18.32 6.98 -44.72
C ASP B 297 -17.06 7.79 -44.35
N PRO B 298 -16.20 8.09 -45.35
CA PRO B 298 -15.00 8.92 -45.10
C PRO B 298 -15.32 10.36 -44.64
N ASN B 299 -16.47 10.92 -45.05
CA ASN B 299 -16.89 12.31 -44.68
C ASN B 299 -17.58 12.33 -43.31
N GLU B 300 -16.94 11.83 -42.26
CA GLU B 300 -17.55 11.85 -40.92
C GLU B 300 -16.52 12.35 -39.91
N PRO B 301 -16.97 12.97 -38.80
CA PRO B 301 -16.06 13.31 -37.71
C PRO B 301 -15.61 12.01 -37.00
N VAL B 302 -16.55 11.14 -36.66
CA VAL B 302 -16.23 9.77 -36.22
C VAL B 302 -17.26 8.79 -36.81
N SER B 303 -16.76 7.70 -37.37
CA SER B 303 -17.60 6.70 -38.00
C SER B 303 -17.30 5.29 -37.48
N ASP B 304 -16.49 5.15 -36.44
CA ASP B 304 -16.16 3.80 -35.90
C ASP B 304 -16.96 3.42 -34.64
N TYR B 305 -17.83 4.33 -34.17
CA TYR B 305 -18.44 4.20 -32.85
C TYR B 305 -19.90 3.71 -32.89
N ILE B 306 -20.20 2.71 -32.08
CA ILE B 306 -21.55 2.40 -31.72
C ILE B 306 -21.59 2.02 -30.24
N ASN B 307 -22.69 2.35 -29.56
CA ASN B 307 -22.89 1.98 -28.16
C ASN B 307 -23.30 0.51 -28.10
N ALA B 308 -22.28 -0.33 -28.02
CA ALA B 308 -22.42 -1.79 -28.08
C ALA B 308 -21.12 -2.46 -27.64
N ASN B 309 -21.22 -3.59 -26.94
CA ASN B 309 -20.08 -4.42 -26.61
C ASN B 309 -20.31 -5.86 -27.01
N ILE B 310 -19.21 -6.51 -27.36
CA ILE B 310 -19.15 -7.92 -27.52
C ILE B 310 -19.17 -8.54 -26.14
N ILE B 311 -19.94 -9.60 -25.98
CA ILE B 311 -20.09 -10.33 -24.72
C ILE B 311 -19.75 -11.79 -25.02
N MET B 312 -18.63 -12.25 -24.50
CA MET B 312 -18.19 -13.62 -24.65
C MET B 312 -18.36 -14.35 -23.31
N PRO B 313 -19.03 -15.51 -23.27
CA PRO B 313 -18.95 -16.27 -22.00
C PRO B 313 -17.56 -16.88 -21.77
N GLU B 314 -17.13 -17.00 -20.51
CA GLU B 314 -16.01 -17.89 -20.10
C GLU B 314 -16.30 -18.40 -18.68
N LYS B 325 -20.67 -21.69 -26.81
CA LYS B 325 -19.80 -21.27 -27.93
C LYS B 325 -20.41 -20.04 -28.63
N LYS B 326 -21.70 -19.79 -28.40
CA LYS B 326 -22.41 -18.63 -28.96
C LYS B 326 -22.00 -17.33 -28.25
N SER B 327 -21.70 -16.28 -28.99
CA SER B 327 -21.42 -15.02 -28.31
C SER B 327 -22.53 -14.01 -28.59
N TYR B 328 -22.44 -12.83 -27.97
CA TYR B 328 -23.46 -11.83 -28.07
C TYR B 328 -22.88 -10.42 -28.26
N ILE B 329 -23.68 -9.55 -28.85
CA ILE B 329 -23.51 -8.13 -28.82
C ILE B 329 -24.63 -7.53 -27.97
N ALA B 330 -24.26 -6.78 -26.93
CA ALA B 330 -25.21 -6.05 -26.09
C ALA B 330 -25.25 -4.60 -26.52
N THR B 331 -26.42 -4.05 -26.80
CA THR B 331 -26.43 -2.71 -27.31
C THR B 331 -27.70 -2.01 -26.86
N GLN B 332 -27.73 -0.71 -27.11
CA GLN B 332 -28.82 0.14 -26.73
C GLN B 332 -29.81 0.14 -27.89
N GLY B 333 -31.06 0.46 -27.58
CA GLY B 333 -32.04 0.80 -28.65
C GLY B 333 -31.56 1.98 -29.48
N CYS B 334 -31.71 1.86 -30.80
CA CYS B 334 -31.45 2.92 -31.77
C CYS B 334 -32.06 4.28 -31.41
N LEU B 335 -31.24 5.29 -31.71
CA LEU B 335 -31.64 6.62 -31.90
C LEU B 335 -31.80 6.82 -33.40
N GLN B 336 -32.48 7.89 -33.74
CA GLN B 336 -32.74 8.29 -35.11
C GLN B 336 -31.43 8.24 -35.90
N ASN B 337 -30.45 8.98 -35.38
CA ASN B 337 -29.18 9.16 -36.03
C ASN B 337 -28.27 7.94 -35.86
N THR B 338 -28.68 6.83 -35.26
CA THR B 338 -27.78 5.65 -35.15
C THR B 338 -28.38 4.38 -35.81
N VAL B 339 -29.51 4.51 -36.50
CA VAL B 339 -30.13 3.37 -37.19
C VAL B 339 -29.18 2.79 -38.24
N ASN B 340 -28.53 3.64 -39.04
CA ASN B 340 -27.63 3.17 -40.08
C ASN B 340 -26.44 2.42 -39.46
N ASP B 341 -25.85 2.95 -38.39
CA ASP B 341 -24.75 2.30 -37.71
C ASP B 341 -25.18 0.93 -37.21
N PHE B 342 -26.40 0.85 -36.68
CA PHE B 342 -26.88 -0.41 -36.17
C PHE B 342 -26.85 -1.47 -37.28
N TRP B 343 -27.31 -1.14 -38.47
CA TRP B 343 -27.30 -2.10 -39.60
C TRP B 343 -25.87 -2.33 -40.11
N ARG B 344 -25.00 -1.34 -40.09
CA ARG B 344 -23.59 -1.59 -40.44
C ARG B 344 -23.03 -2.61 -39.45
N MET B 345 -23.42 -2.50 -38.19
CA MET B 345 -22.87 -3.41 -37.17
C MET B 345 -23.34 -4.85 -37.40
N VAL B 346 -24.62 -5.03 -37.69
CA VAL B 346 -25.20 -6.38 -37.90
C VAL B 346 -24.58 -7.04 -39.13
N PHE B 347 -24.35 -6.25 -40.15
CA PHE B 347 -23.72 -6.72 -41.37
C PHE B 347 -22.27 -7.14 -41.10
N GLN B 348 -21.48 -6.18 -40.58
CA GLN B 348 -20.04 -6.33 -40.35
C GLN B 348 -19.78 -7.59 -39.50
N GLU B 349 -20.57 -7.79 -38.46
CA GLU B 349 -20.35 -8.85 -37.47
C GLU B 349 -21.03 -10.15 -37.89
N ASN B 350 -21.69 -10.15 -39.06
CA ASN B 350 -22.30 -11.36 -39.59
C ASN B 350 -23.40 -11.87 -38.65
N SER B 351 -24.00 -11.03 -37.83
CA SER B 351 -25.13 -11.46 -36.97
C SER B 351 -26.35 -11.88 -37.81
N ARG B 352 -27.00 -12.94 -37.38
CA ARG B 352 -28.18 -13.46 -38.06
C ARG B 352 -29.40 -13.51 -37.11
N VAL B 353 -29.22 -13.18 -35.83
CA VAL B 353 -30.35 -13.14 -34.89
C VAL B 353 -30.27 -11.86 -34.03
N ILE B 354 -31.41 -11.19 -33.92
CA ILE B 354 -31.57 -9.97 -33.10
C ILE B 354 -32.63 -10.27 -32.05
N VAL B 355 -32.34 -9.91 -30.82
CA VAL B 355 -33.26 -10.04 -29.74
C VAL B 355 -33.58 -8.63 -29.28
N MET B 356 -34.88 -8.30 -29.30
CA MET B 356 -35.29 -7.00 -28.84
C MET B 356 -36.15 -7.21 -27.61
N THR B 357 -35.80 -6.55 -26.49
CA THR B 357 -36.44 -6.88 -25.20
C THR B 357 -37.39 -5.80 -24.71
N THR B 358 -37.63 -4.81 -25.56
CA THR B 358 -38.45 -3.66 -25.21
C THR B 358 -39.51 -3.49 -26.31
N LYS B 359 -40.71 -3.05 -25.98
CA LYS B 359 -41.59 -2.41 -26.97
C LYS B 359 -40.87 -1.15 -27.46
N GLU B 360 -41.34 -0.57 -28.56
CA GLU B 360 -40.80 0.70 -29.07
C GLU B 360 -41.16 1.83 -28.09
N VAL B 361 -42.35 1.75 -27.49
CA VAL B 361 -42.86 2.73 -26.53
C VAL B 361 -43.32 1.97 -25.28
N GLU B 362 -42.91 2.40 -24.09
CA GLU B 362 -43.35 1.82 -22.79
C GLU B 362 -43.74 2.97 -21.84
N ARG B 363 -45.03 3.03 -21.48
CA ARG B 363 -45.52 4.08 -20.56
C ARG B 363 -45.26 5.48 -21.16
N GLY B 364 -45.50 5.60 -22.46
CA GLY B 364 -45.45 6.89 -23.14
C GLY B 364 -44.05 7.38 -23.41
N LYS B 365 -43.06 6.49 -23.28
CA LYS B 365 -41.65 6.82 -23.43
C LYS B 365 -41.08 6.08 -24.65
N SER B 366 -40.25 6.73 -25.46
CA SER B 366 -39.55 6.00 -26.51
C SER B 366 -38.38 5.23 -25.88
N LYS B 367 -38.36 3.93 -26.18
CA LYS B 367 -37.39 3.00 -25.62
C LYS B 367 -36.49 2.47 -26.75
N CYS B 368 -37.03 2.35 -27.98
CA CYS B 368 -36.24 2.07 -29.22
C CYS B 368 -36.94 2.67 -30.45
N VAL B 369 -36.25 3.43 -31.30
CA VAL B 369 -36.82 3.81 -32.57
C VAL B 369 -36.92 2.56 -33.46
N LYS B 370 -37.89 2.61 -34.34
CA LYS B 370 -38.17 1.53 -35.23
C LYS B 370 -37.08 1.52 -36.29
N TYR B 371 -36.34 0.41 -36.35
CA TYR B 371 -35.21 0.26 -37.28
C TYR B 371 -35.47 -0.79 -38.36
N TRP B 372 -36.71 -1.25 -38.50
CA TRP B 372 -37.02 -2.32 -39.41
C TRP B 372 -38.24 -1.89 -40.24
N PRO B 373 -38.41 -2.45 -41.44
CA PRO B 373 -39.56 -2.09 -42.23
C PRO B 373 -40.83 -2.87 -41.87
N ASP B 374 -41.99 -2.34 -42.26
CA ASP B 374 -43.23 -3.11 -42.14
C ASP B 374 -43.15 -4.39 -42.95
N GLU B 375 -44.02 -5.33 -42.57
CA GLU B 375 -44.10 -6.62 -43.23
C GLU B 375 -44.32 -6.36 -44.72
N TYR B 376 -43.65 -7.17 -45.56
CA TYR B 376 -43.68 -7.14 -47.02
C TYR B 376 -43.00 -5.88 -47.58
N ALA B 377 -42.46 -4.99 -46.75
CA ALA B 377 -41.87 -3.74 -47.27
C ALA B 377 -40.34 -3.82 -47.18
N LEU B 378 -39.72 -2.85 -47.82
CA LEU B 378 -38.29 -2.81 -47.99
C LEU B 378 -37.81 -1.38 -47.72
N LYS B 379 -36.69 -1.20 -47.01
CA LYS B 379 -36.13 0.15 -46.78
C LYS B 379 -34.60 0.11 -46.88
N GLU B 380 -34.05 1.24 -47.29
CA GLU B 380 -32.65 1.45 -47.35
C GLU B 380 -32.24 2.28 -46.13
N TYR B 381 -31.21 1.82 -45.44
CA TYR B 381 -30.67 2.51 -44.26
C TYR B 381 -29.18 2.78 -44.52
N GLY B 382 -28.85 3.96 -45.03
CA GLY B 382 -27.55 4.18 -45.62
C GLY B 382 -27.29 3.20 -46.76
N VAL B 383 -26.17 2.48 -46.70
CA VAL B 383 -25.74 1.59 -47.76
C VAL B 383 -26.41 0.22 -47.58
N MET B 384 -27.19 0.03 -46.52
CA MET B 384 -27.79 -1.28 -46.23
C MET B 384 -29.27 -1.28 -46.61
N ARG B 385 -29.69 -2.44 -47.09
CA ARG B 385 -31.03 -2.66 -47.58
C ARG B 385 -31.65 -3.72 -46.68
N VAL B 386 -32.92 -3.55 -46.28
CA VAL B 386 -33.55 -4.51 -45.41
C VAL B 386 -34.98 -4.74 -45.89
N ARG B 387 -35.28 -6.01 -46.09
CA ARG B 387 -36.59 -6.43 -46.57
C ARG B 387 -37.23 -7.25 -45.47
N ASN B 388 -38.46 -6.90 -45.07
CA ASN B 388 -39.21 -7.68 -44.10
C ASN B 388 -40.07 -8.72 -44.84
N VAL B 389 -39.61 -9.96 -44.84
CA VAL B 389 -40.19 -10.99 -45.69
C VAL B 389 -41.46 -11.51 -45.05
N LYS B 390 -41.55 -11.49 -43.71
CA LYS B 390 -42.63 -12.19 -43.04
C LYS B 390 -42.51 -12.00 -41.52
N GLU B 391 -43.60 -11.53 -40.90
CA GLU B 391 -43.76 -11.49 -39.47
C GLU B 391 -44.64 -12.66 -39.05
N SER B 392 -44.36 -13.22 -37.88
CA SER B 392 -45.16 -14.28 -37.26
C SER B 392 -45.33 -13.92 -35.79
N ALA B 393 -46.56 -13.94 -35.31
CA ALA B 393 -46.94 -13.54 -34.01
C ALA B 393 -47.10 -14.78 -33.11
N ALA B 394 -46.43 -14.77 -31.96
CA ALA B 394 -46.65 -15.72 -30.91
C ALA B 394 -47.21 -14.93 -29.73
N HIS B 395 -47.58 -15.61 -28.67
CA HIS B 395 -48.16 -14.92 -27.57
C HIS B 395 -47.13 -13.92 -26.99
N ASP B 396 -45.89 -14.37 -26.81
CA ASP B 396 -44.94 -13.57 -26.06
C ASP B 396 -44.04 -12.72 -26.92
N TYR B 397 -44.03 -13.00 -28.22
CA TYR B 397 -43.10 -12.36 -29.13
C TYR B 397 -43.66 -12.40 -30.56
N THR B 398 -43.21 -11.44 -31.35
CA THR B 398 -43.29 -11.43 -32.80
C THR B 398 -41.90 -11.75 -33.37
N LEU B 399 -41.84 -12.63 -34.40
CA LEU B 399 -40.63 -12.93 -35.17
C LEU B 399 -40.70 -12.26 -36.54
N ARG B 400 -39.65 -11.54 -36.93
CA ARG B 400 -39.63 -10.91 -38.19
C ARG B 400 -38.45 -11.46 -39.00
N GLU B 401 -38.77 -12.05 -40.15
CA GLU B 401 -37.76 -12.57 -41.02
C GLU B 401 -37.26 -11.45 -41.93
N LEU B 402 -36.11 -10.89 -41.62
CA LEU B 402 -35.58 -9.77 -42.37
C LEU B 402 -34.51 -10.28 -43.35
N LYS B 403 -34.37 -9.62 -44.50
CA LYS B 403 -33.29 -9.90 -45.42
C LYS B 403 -32.48 -8.63 -45.60
N LEU B 404 -31.17 -8.73 -45.37
CA LEU B 404 -30.26 -7.58 -45.26
C LEU B 404 -29.17 -7.76 -46.29
N SER B 405 -28.82 -6.70 -46.99
CA SER B 405 -27.78 -6.74 -47.98
C SER B 405 -27.26 -5.33 -48.20
N LYS B 406 -26.13 -5.23 -48.89
CA LYS B 406 -25.64 -3.94 -49.30
C LYS B 406 -26.29 -3.55 -50.62
N VAL B 407 -26.78 -2.33 -50.68
CA VAL B 407 -27.27 -1.72 -51.91
C VAL B 407 -26.22 -1.91 -53.01
N GLY B 408 -26.63 -2.50 -54.13
CA GLY B 408 -25.75 -2.71 -55.31
C GLY B 408 -25.10 -4.08 -55.35
N GLN B 409 -25.23 -4.90 -54.29
CA GLN B 409 -24.53 -6.18 -54.21
C GLN B 409 -25.43 -7.26 -53.63
N GLY B 410 -26.19 -7.91 -54.47
CA GLY B 410 -27.14 -8.94 -54.01
C GLY B 410 -26.44 -10.14 -53.39
N ASN B 411 -25.18 -10.37 -53.80
CA ASN B 411 -24.37 -11.49 -53.31
C ASN B 411 -24.00 -11.34 -51.82
N THR B 412 -24.32 -10.20 -51.19
CA THR B 412 -24.03 -9.94 -49.78
C THR B 412 -25.21 -10.35 -48.90
N GLU B 413 -26.36 -10.62 -49.51
CA GLU B 413 -27.62 -10.85 -48.80
C GLU B 413 -27.53 -11.99 -47.78
N ARG B 414 -28.06 -11.73 -46.59
CA ARG B 414 -28.25 -12.80 -45.63
C ARG B 414 -29.55 -12.55 -44.88
N THR B 415 -30.08 -13.60 -44.27
CA THR B 415 -31.32 -13.50 -43.46
C THR B 415 -30.96 -13.19 -42.00
N VAL B 416 -31.67 -12.22 -41.46
CA VAL B 416 -31.59 -11.84 -40.09
C VAL B 416 -32.96 -12.07 -39.44
N TRP B 417 -32.98 -12.91 -38.40
CA TRP B 417 -34.17 -13.19 -37.66
C TRP B 417 -34.27 -12.31 -36.42
N GLN B 418 -35.28 -11.48 -36.36
CA GLN B 418 -35.51 -10.59 -35.24
C GLN B 418 -36.62 -11.16 -34.36
N TYR B 419 -36.27 -11.45 -33.12
CA TYR B 419 -37.21 -11.93 -32.14
C TYR B 419 -37.53 -10.80 -31.20
N HIS B 420 -38.79 -10.41 -31.18
CA HIS B 420 -39.20 -9.21 -30.57
C HIS B 420 -40.10 -9.53 -29.40
N PHE B 421 -39.52 -9.51 -28.17
CA PHE B 421 -40.21 -9.89 -26.96
C PHE B 421 -41.17 -8.77 -26.63
N ARG B 422 -42.39 -9.13 -26.25
CA ARG B 422 -43.34 -8.04 -26.12
C ARG B 422 -44.08 -8.11 -24.78
N THR B 423 -43.86 -9.10 -23.91
CA THR B 423 -44.74 -9.18 -22.71
C THR B 423 -43.98 -8.84 -21.43
N TRP B 424 -42.79 -8.26 -21.52
CA TRP B 424 -42.05 -7.81 -20.30
C TRP B 424 -42.80 -6.67 -19.60
N PRO B 425 -43.15 -6.85 -18.31
CA PRO B 425 -43.98 -5.86 -17.59
C PRO B 425 -43.34 -4.46 -17.60
N ASP B 426 -44.17 -3.44 -17.46
CA ASP B 426 -43.70 -2.08 -17.37
C ASP B 426 -42.94 -1.92 -16.07
N HIS B 427 -43.38 -2.65 -15.04
CA HIS B 427 -42.78 -2.58 -13.69
C HIS B 427 -42.24 -3.95 -13.24
N GLY B 428 -40.96 -4.03 -12.92
CA GLY B 428 -40.42 -5.26 -12.39
C GLY B 428 -40.15 -6.29 -13.48
N VAL B 429 -40.32 -7.54 -13.12
CA VAL B 429 -39.96 -8.66 -13.94
C VAL B 429 -41.19 -9.56 -14.11
N PRO B 430 -41.17 -10.46 -15.09
CA PRO B 430 -42.31 -11.35 -15.19
C PRO B 430 -42.43 -12.26 -13.96
N SER B 431 -43.67 -12.47 -13.52
CA SER B 431 -44.00 -13.33 -12.44
C SER B 431 -43.70 -14.80 -12.75
N ASP B 432 -43.74 -15.18 -14.01
CA ASP B 432 -43.42 -16.53 -14.44
C ASP B 432 -42.37 -16.43 -15.56
N PRO B 433 -41.30 -17.25 -15.53
CA PRO B 433 -40.26 -17.26 -16.60
C PRO B 433 -40.53 -18.14 -17.84
N GLY B 434 -41.67 -18.82 -17.87
CA GLY B 434 -42.06 -19.69 -18.97
C GLY B 434 -41.95 -19.04 -20.33
N GLY B 435 -42.43 -17.81 -20.51
CA GLY B 435 -42.39 -17.09 -21.80
C GLY B 435 -40.99 -16.64 -22.18
N VAL B 436 -40.17 -16.20 -21.21
CA VAL B 436 -38.77 -15.90 -21.48
C VAL B 436 -38.01 -17.19 -21.89
N LEU B 437 -38.20 -18.31 -21.19
CA LEU B 437 -37.50 -19.58 -21.52
C LEU B 437 -37.90 -20.10 -22.90
N ASP B 438 -39.20 -20.12 -23.26
CA ASP B 438 -39.63 -20.55 -24.64
C ASP B 438 -39.01 -19.70 -25.72
N PHE B 439 -39.05 -18.40 -25.54
CA PHE B 439 -38.39 -17.41 -26.41
C PHE B 439 -36.90 -17.71 -26.62
N LEU B 440 -36.18 -17.91 -25.52
CA LEU B 440 -34.70 -18.05 -25.65
C LEU B 440 -34.38 -19.42 -26.27
N GLU B 441 -35.22 -20.44 -26.04
CA GLU B 441 -35.05 -21.76 -26.65
C GLU B 441 -35.20 -21.65 -28.16
N GLU B 442 -36.17 -20.84 -28.60
CA GLU B 442 -36.40 -20.62 -30.04
C GLU B 442 -35.24 -19.85 -30.66
N VAL B 443 -34.78 -18.82 -29.95
CA VAL B 443 -33.62 -18.03 -30.38
C VAL B 443 -32.42 -18.94 -30.52
N HIS B 444 -32.25 -19.83 -29.56
CA HIS B 444 -31.09 -20.70 -29.51
C HIS B 444 -31.09 -21.63 -30.72
N HIS B 445 -32.22 -22.28 -31.00
CA HIS B 445 -32.31 -23.21 -32.16
C HIS B 445 -32.01 -22.46 -33.45
N LYS B 446 -32.56 -21.27 -33.61
CA LYS B 446 -32.34 -20.48 -34.83
C LYS B 446 -30.87 -20.17 -35.03
N GLN B 447 -30.18 -19.62 -34.02
CA GLN B 447 -28.75 -19.31 -34.09
C GLN B 447 -28.00 -20.57 -34.53
N GLU B 448 -28.36 -21.62 -33.86
CA GLU B 448 -27.62 -22.85 -33.98
C GLU B 448 -27.89 -23.48 -35.35
N SER B 449 -28.99 -23.18 -36.02
CA SER B 449 -29.25 -23.80 -37.31
C SER B 449 -28.58 -23.03 -38.46
N ILE B 450 -27.77 -22.01 -38.17
CA ILE B 450 -27.21 -21.19 -39.22
C ILE B 450 -25.69 -21.35 -39.18
N MET B 451 -25.16 -21.80 -40.31
CA MET B 451 -23.83 -22.32 -40.40
C MET B 451 -22.81 -21.38 -39.74
N ASP B 452 -22.54 -20.19 -40.26
CA ASP B 452 -21.46 -19.44 -39.60
C ASP B 452 -21.94 -18.13 -38.97
N ALA B 453 -23.08 -18.20 -38.29
CA ALA B 453 -23.72 -17.01 -37.75
C ALA B 453 -22.76 -16.35 -36.75
N GLY B 454 -22.76 -15.04 -36.75
CA GLY B 454 -21.98 -14.27 -35.79
C GLY B 454 -22.73 -14.10 -34.48
N PRO B 455 -22.31 -13.15 -33.67
CA PRO B 455 -22.93 -12.99 -32.40
C PRO B 455 -24.41 -12.60 -32.45
N VAL B 456 -25.14 -13.02 -31.43
CA VAL B 456 -26.55 -12.68 -31.28
C VAL B 456 -26.68 -11.28 -30.70
N VAL B 457 -27.30 -10.39 -31.45
CA VAL B 457 -27.53 -9.01 -31.00
C VAL B 457 -28.72 -9.01 -30.01
N VAL B 458 -28.53 -8.40 -28.82
CA VAL B 458 -29.56 -8.24 -27.80
C VAL B 458 -29.58 -6.76 -27.41
N HIS B 459 -30.76 -6.15 -27.35
CA HIS B 459 -30.87 -4.70 -27.08
C HIS B 459 -32.20 -4.43 -26.36
N CYS B 460 -32.20 -3.39 -25.54
CA CYS B 460 -33.43 -2.90 -24.89
C CYS B 460 -33.42 -1.37 -25.03
N SER B 461 -33.57 -0.62 -23.96
CA SER B 461 -33.42 0.79 -24.01
C SER B 461 -31.91 1.16 -23.88
N ALA B 462 -31.35 1.20 -22.66
CA ALA B 462 -29.92 1.53 -22.49
C ALA B 462 -29.00 0.31 -22.69
N GLY B 463 -29.59 -0.87 -22.74
CA GLY B 463 -28.84 -2.02 -23.15
C GLY B 463 -28.12 -2.70 -22.00
N ILE B 464 -28.60 -2.57 -20.76
CA ILE B 464 -27.84 -3.18 -19.59
C ILE B 464 -28.76 -4.00 -18.68
N GLY B 465 -29.99 -3.57 -18.42
CA GLY B 465 -30.83 -4.30 -17.48
C GLY B 465 -31.40 -5.60 -18.03
N ARG B 466 -32.48 -5.48 -18.82
CA ARG B 466 -33.15 -6.65 -19.39
C ARG B 466 -32.18 -7.34 -20.30
N THR B 467 -31.41 -6.56 -21.02
CA THR B 467 -30.41 -7.10 -21.96
C THR B 467 -29.48 -8.07 -21.22
N GLY B 468 -28.99 -7.62 -20.06
CA GLY B 468 -28.12 -8.43 -19.26
C GLY B 468 -28.83 -9.60 -18.65
N THR B 469 -30.06 -9.36 -18.20
CA THR B 469 -30.82 -10.48 -17.67
C THR B 469 -31.00 -11.55 -18.76
N PHE B 470 -31.43 -11.18 -19.98
CA PHE B 470 -31.63 -12.22 -21.01
C PHE B 470 -30.32 -12.91 -21.36
N ILE B 471 -29.25 -12.16 -21.52
CA ILE B 471 -27.98 -12.81 -21.91
C ILE B 471 -27.55 -13.80 -20.80
N VAL B 472 -27.68 -13.41 -19.53
CA VAL B 472 -27.17 -14.32 -18.47
C VAL B 472 -28.05 -15.57 -18.33
N ILE B 473 -29.37 -15.42 -18.45
CA ILE B 473 -30.23 -16.58 -18.47
C ILE B 473 -29.77 -17.44 -19.65
N ASP B 474 -29.55 -16.87 -20.82
CA ASP B 474 -29.12 -17.71 -21.98
C ASP B 474 -27.81 -18.41 -21.74
N ILE B 475 -26.83 -17.74 -21.13
CA ILE B 475 -25.53 -18.46 -20.82
C ILE B 475 -25.78 -19.67 -19.91
N LEU B 476 -26.53 -19.48 -18.81
CA LEU B 476 -26.72 -20.56 -17.80
C LEU B 476 -27.51 -21.74 -18.36
N ILE B 477 -28.59 -21.49 -19.12
CA ILE B 477 -29.42 -22.58 -19.69
C ILE B 477 -28.54 -23.37 -20.67
N ASP B 478 -27.65 -22.67 -21.38
CA ASP B 478 -26.73 -23.30 -22.35
C ASP B 478 -25.86 -24.40 -21.78
N ILE B 479 -25.37 -24.15 -20.56
CA ILE B 479 -24.57 -25.10 -19.78
C ILE B 479 -25.42 -26.34 -19.51
N ILE B 480 -26.65 -26.11 -19.07
CA ILE B 480 -27.53 -27.20 -18.69
C ILE B 480 -28.01 -27.94 -19.93
N ARG B 481 -28.33 -27.24 -21.01
CA ARG B 481 -28.80 -27.89 -22.25
C ARG B 481 -27.72 -28.84 -22.78
N GLU B 482 -26.43 -28.50 -22.63
CA GLU B 482 -25.33 -29.32 -23.15
C GLU B 482 -24.90 -30.33 -22.09
N LYS B 483 -24.80 -29.93 -20.83
CA LYS B 483 -24.17 -30.80 -19.82
C LYS B 483 -25.24 -31.53 -18.99
N GLY B 484 -26.50 -31.21 -19.19
CA GLY B 484 -27.53 -31.86 -18.40
C GLY B 484 -27.63 -31.28 -17.00
N VAL B 485 -28.36 -32.01 -16.18
CA VAL B 485 -28.84 -31.49 -14.92
C VAL B 485 -27.73 -31.63 -13.87
N ASP B 486 -26.79 -32.56 -14.09
CA ASP B 486 -25.72 -32.82 -13.15
C ASP B 486 -24.45 -32.06 -13.58
N CYS B 487 -24.44 -30.77 -13.29
CA CYS B 487 -23.35 -29.86 -13.65
C CYS B 487 -23.38 -28.64 -12.72
N ASP B 488 -22.31 -27.83 -12.73
CA ASP B 488 -22.19 -26.67 -11.84
C ASP B 488 -22.56 -25.37 -12.48
N ILE B 489 -23.33 -24.58 -11.78
CA ILE B 489 -23.61 -23.27 -12.23
C ILE B 489 -23.22 -22.29 -11.11
N ASP B 490 -22.98 -21.04 -11.50
CA ASP B 490 -22.67 -19.97 -10.56
C ASP B 490 -23.13 -18.59 -11.06
N VAL B 491 -24.26 -18.16 -10.55
CA VAL B 491 -25.02 -17.02 -11.08
C VAL B 491 -24.24 -15.72 -10.92
N PRO B 492 -23.85 -15.31 -9.67
CA PRO B 492 -23.10 -14.07 -9.45
C PRO B 492 -21.77 -14.01 -10.24
N LYS B 493 -21.08 -15.14 -10.33
CA LYS B 493 -19.83 -15.20 -11.07
C LYS B 493 -20.13 -15.01 -12.56
N THR B 494 -21.17 -15.69 -13.08
CA THR B 494 -21.53 -15.48 -14.52
C THR B 494 -21.83 -13.99 -14.75
N ILE B 495 -22.54 -13.35 -13.80
CA ILE B 495 -22.95 -11.96 -13.96
C ILE B 495 -21.70 -11.07 -13.90
N GLN B 496 -20.78 -11.38 -12.98
CA GLN B 496 -19.62 -10.54 -12.83
C GLN B 496 -18.79 -10.63 -14.12
N MET B 497 -18.67 -11.83 -14.62
CA MET B 497 -17.94 -12.05 -15.87
C MET B 497 -18.55 -11.16 -16.99
N VAL B 498 -19.89 -11.04 -17.01
CA VAL B 498 -20.57 -10.32 -18.09
C VAL B 498 -20.51 -8.80 -17.84
N ARG B 499 -20.58 -8.39 -16.60
CA ARG B 499 -20.43 -6.98 -16.23
C ARG B 499 -18.99 -6.50 -16.52
N SER B 500 -18.06 -7.40 -16.72
CA SER B 500 -16.75 -6.94 -17.07
C SER B 500 -16.70 -6.66 -18.58
N GLN B 501 -17.79 -6.89 -19.29
CA GLN B 501 -17.74 -6.66 -20.75
C GLN B 501 -18.66 -5.51 -21.16
N ARG B 502 -19.65 -5.19 -20.32
CA ARG B 502 -20.46 -4.02 -20.48
C ARG B 502 -20.93 -3.56 -19.09
N SER B 503 -20.88 -2.24 -18.84
CA SER B 503 -21.24 -1.67 -17.54
C SER B 503 -22.67 -2.07 -17.13
N GLY B 504 -22.83 -2.66 -15.95
CA GLY B 504 -24.11 -2.65 -15.27
C GLY B 504 -25.11 -3.67 -15.82
N MET B 505 -24.59 -4.69 -16.49
CA MET B 505 -25.38 -5.82 -16.95
C MET B 505 -26.07 -6.57 -15.78
N VAL B 506 -27.41 -6.55 -15.79
CA VAL B 506 -28.27 -6.96 -14.71
C VAL B 506 -28.26 -5.83 -13.68
N GLN B 507 -29.40 -5.14 -13.61
CA GLN B 507 -29.49 -3.88 -12.93
C GLN B 507 -30.01 -4.04 -11.51
N THR B 508 -30.92 -4.99 -11.26
CA THR B 508 -31.75 -4.95 -10.02
C THR B 508 -31.85 -6.34 -9.41
N GLU B 509 -32.22 -6.33 -8.14
CA GLU B 509 -32.34 -7.53 -7.35
C GLU B 509 -33.49 -8.38 -7.91
N ALA B 510 -34.58 -7.74 -8.33
CA ALA B 510 -35.68 -8.50 -8.89
C ALA B 510 -35.20 -9.29 -10.12
N GLN B 511 -34.42 -8.65 -10.96
CA GLN B 511 -33.85 -9.29 -12.15
C GLN B 511 -33.02 -10.50 -11.73
N TYR B 512 -32.26 -10.32 -10.66
CA TYR B 512 -31.37 -11.30 -10.16
C TYR B 512 -32.13 -12.55 -9.74
N ARG B 513 -33.18 -12.33 -8.96
CA ARG B 513 -34.03 -13.40 -8.52
C ARG B 513 -34.70 -14.06 -9.74
N PHE B 514 -35.03 -13.27 -10.76
CA PHE B 514 -35.73 -13.84 -11.93
C PHE B 514 -34.77 -14.79 -12.67
N ILE B 515 -33.50 -14.41 -12.77
CA ILE B 515 -32.51 -15.27 -13.42
C ILE B 515 -32.54 -16.65 -12.76
N TYR B 516 -32.52 -16.65 -11.43
CA TYR B 516 -32.59 -17.87 -10.62
C TYR B 516 -33.90 -18.63 -10.81
N MET B 517 -35.03 -17.93 -10.90
CA MET B 517 -36.35 -18.59 -11.12
C MET B 517 -36.37 -19.28 -12.50
N ALA B 518 -35.90 -18.58 -13.52
CA ALA B 518 -35.79 -19.09 -14.88
C ALA B 518 -34.97 -20.38 -14.95
N VAL B 519 -33.79 -20.35 -14.29
CA VAL B 519 -32.91 -21.50 -14.29
C VAL B 519 -33.56 -22.67 -13.55
N GLN B 520 -34.18 -22.38 -12.41
CA GLN B 520 -34.97 -23.39 -11.66
C GLN B 520 -36.07 -24.03 -12.53
N HIS B 521 -36.82 -23.21 -13.25
CA HIS B 521 -37.92 -23.69 -14.10
C HIS B 521 -37.33 -24.50 -15.24
N TYR B 522 -36.25 -24.03 -15.85
CA TYR B 522 -35.58 -24.81 -16.91
C TYR B 522 -35.21 -26.21 -16.36
N ILE B 523 -34.65 -26.31 -15.16
CA ILE B 523 -34.21 -27.59 -14.61
C ILE B 523 -35.39 -28.48 -14.28
N GLU B 524 -36.39 -27.89 -13.63
CA GLU B 524 -37.56 -28.68 -13.22
C GLU B 524 -38.25 -29.28 -14.46
N THR B 525 -38.28 -28.62 -15.60
CA THR B 525 -39.01 -29.26 -16.73
C THR B 525 -38.24 -30.48 -17.26
N LEU B 526 -36.91 -30.37 -17.39
CA LEU B 526 -36.02 -31.53 -17.69
C LEU B 526 -36.32 -32.70 -16.74
N GLN B 527 -36.30 -32.41 -15.45
CA GLN B 527 -36.53 -33.47 -14.46
C GLN B 527 -37.96 -34.04 -14.58
N ARG B 528 -38.96 -33.27 -15.01
CA ARG B 528 -40.34 -33.84 -15.16
C ARG B 528 -40.36 -34.83 -16.34
N ARG B 529 -39.54 -34.58 -17.37
CA ARG B 529 -39.48 -35.49 -18.53
C ARG B 529 -39.01 -36.88 -18.12
N LEU B 530 -37.96 -36.94 -17.30
CA LEU B 530 -37.46 -38.24 -16.80
C LEU B 530 -38.51 -38.93 -15.89
N GLU B 531 -39.18 -38.15 -15.03
CA GLU B 531 -40.19 -38.69 -14.10
C GLU B 531 -41.36 -39.29 -14.92
N HIS B 532 -41.81 -38.60 -15.96
CA HIS B 532 -42.84 -39.13 -16.87
C HIS B 532 -42.31 -40.34 -17.66
N HIS B 533 -41.00 -40.40 -17.95
CA HIS B 533 -40.48 -41.50 -18.75
C HIS B 533 -40.62 -42.83 -17.99
N HIS B 534 -40.29 -42.86 -16.69
CA HIS B 534 -40.39 -44.10 -15.90
C HIS B 534 -41.86 -44.38 -15.53
N HIS B 535 -42.68 -43.31 -15.55
CA HIS B 535 -44.08 -43.27 -15.07
C HIS B 535 -45.03 -43.18 -16.28
#